data_6X9L
#
_entry.id   6X9L
#
_cell.length_a   92.193
_cell.length_b   92.170
_cell.length_c   231.357
_cell.angle_alpha   90.000
_cell.angle_beta   90.000
_cell.angle_gamma   90.000
#
_symmetry.space_group_name_H-M   'C 2 2 21'
#
loop_
_entity.id
_entity.type
_entity.pdbx_description
1 polymer 'Aldehyde dehydrogenase family protein'
2 non-polymer OCTANAL
3 non-polymer NICOTINAMIDE-ADENINE-DINUCLEOTIDE
4 water water
#
_entity_poly.entity_id   1
_entity_poly.type   'polypeptide(L)'
_entity_poly.pdbx_seq_one_letter_code
;MTTQPLNSHRVDPHTAQKFYIDGHWSAPLSPVSIAVVNPATEEVVAHVASGSAADVDRAVAAARAAFAGWSGTSPEVRAQ
VIGRIHELIIERKEELAQAISLEMGAAISSARAMQVPLAAEHVRVARDLLATYRFQTVEGGTAIEREPIGVCALITPWNW
PLYQITAKVAPAIAAGCTVVLKPSELSPLSALLFAQLVHDAGLPPGVFNLVNGSGPEVGGAMAAHPDIDMISITGSNRAG
ALVAQAAAPTVKRVTQELGGKSPNILLPDADFANAVPPGVMAAFRNVGQSASAPTRMIVPRNRLAEVEALAAQTAGTIVV
GDPQLEHTVLGPIANEAQFHRVQAMINAGICEGAKLVCGGPGRVQGHEQGFYTRPTVFSEVDSSMRIAREEIFGPVLCLI
AYDTIDEAVAIANDTVYGLGAHVQGQDLELARSVASRIRAGQVHLNYPSWNPMAPFGGYKRSGNGREYGVHGFEEYLETK
AIVGFAPADLM
;
_entity_poly.pdbx_strand_id   A,B
#
loop_
_chem_comp.id
_chem_comp.type
_chem_comp.name
_chem_comp.formula
NAD non-polymer NICOTINAMIDE-ADENINE-DINUCLEOTIDE 'C21 H27 N7 O14 P2'
OYA non-polymer OCTANAL 'C8 H16 O'
#
# COMPACT_ATOMS: atom_id res chain seq x y z
N LEU A 6 -2.31 14.58 0.32
CA LEU A 6 -1.55 15.26 -0.72
C LEU A 6 -0.26 14.52 -1.12
N ASN A 7 0.48 13.97 -0.16
CA ASN A 7 1.68 13.21 -0.50
C ASN A 7 1.33 12.12 -1.49
N SER A 8 2.12 12.02 -2.57
CA SER A 8 1.76 11.24 -3.74
C SER A 8 2.50 9.91 -3.85
N HIS A 9 3.34 9.56 -2.88
CA HIS A 9 4.13 8.35 -3.01
C HIS A 9 3.30 7.11 -2.70
N ARG A 10 3.46 6.07 -3.52
CA ARG A 10 2.82 4.79 -3.26
C ARG A 10 3.88 3.70 -3.31
N VAL A 11 3.99 2.92 -2.23
CA VAL A 11 4.98 1.87 -2.19
C VAL A 11 4.59 0.78 -3.16
N ASP A 12 5.56 0.25 -3.89
CA ASP A 12 5.22 -0.84 -4.78
C ASP A 12 4.81 -2.05 -3.95
N PRO A 13 3.56 -2.49 -4.05
CA PRO A 13 3.11 -3.62 -3.21
C PRO A 13 3.87 -4.90 -3.48
N HIS A 14 4.41 -5.05 -4.68
CA HIS A 14 5.07 -6.29 -5.05
C HIS A 14 6.49 -6.41 -4.53
N THR A 15 7.14 -5.29 -4.19
CA THR A 15 8.53 -5.29 -3.75
C THR A 15 8.73 -4.70 -2.36
N ALA A 16 7.65 -4.27 -1.69
CA ALA A 16 7.79 -3.65 -0.38
C ALA A 16 8.45 -4.60 0.62
N GLN A 17 8.06 -5.88 0.62
CA GLN A 17 8.58 -6.86 1.55
C GLN A 17 9.47 -7.88 0.86
N LYS A 18 10.19 -7.42 -0.15
CA LYS A 18 11.21 -8.20 -0.81
C LYS A 18 12.56 -7.52 -0.58
N PHE A 19 13.63 -8.25 -0.93
CA PHE A 19 14.98 -7.72 -0.92
C PHE A 19 15.50 -7.68 -2.35
N TYR A 20 16.42 -6.76 -2.64
CA TYR A 20 17.05 -6.70 -3.96
C TYR A 20 18.41 -7.39 -3.89
N ILE A 21 18.45 -8.62 -4.40
CA ILE A 21 19.61 -9.49 -4.32
C ILE A 21 19.87 -10.06 -5.71
N ASP A 22 21.07 -9.79 -6.24
CA ASP A 22 21.56 -10.45 -7.44
C ASP A 22 20.73 -10.10 -8.67
N GLY A 23 20.23 -8.86 -8.73
CA GLY A 23 19.53 -8.36 -9.89
C GLY A 23 18.03 -8.56 -9.88
N HIS A 24 17.46 -9.12 -8.82
CA HIS A 24 16.04 -9.41 -8.77
C HIS A 24 15.54 -9.10 -7.36
N TRP A 25 14.23 -8.95 -7.24
CA TRP A 25 13.54 -8.90 -5.96
C TRP A 25 13.18 -10.32 -5.53
N SER A 26 13.67 -10.74 -4.37
CA SER A 26 13.44 -12.09 -3.89
C SER A 26 12.75 -12.05 -2.54
N ALA A 27 12.04 -13.12 -2.25
CA ALA A 27 11.36 -13.24 -0.98
C ALA A 27 12.37 -13.18 0.16
N PRO A 28 12.04 -12.57 1.29
CA PRO A 28 12.85 -12.77 2.49
C PRO A 28 12.69 -14.19 3.00
N LEU A 29 13.74 -14.65 3.70
CA LEU A 29 13.75 -15.96 4.33
C LEU A 29 12.93 -16.01 5.61
N SER A 30 12.56 -14.87 6.15
CA SER A 30 11.70 -14.77 7.33
C SER A 30 10.43 -14.00 7.01
N PRO A 31 9.35 -14.25 7.75
CA PRO A 31 8.09 -13.54 7.52
C PRO A 31 7.92 -12.28 8.37
N VAL A 32 8.93 -11.91 9.17
CA VAL A 32 8.83 -10.73 10.02
C VAL A 32 8.71 -9.49 9.14
N SER A 33 7.83 -8.60 9.54
CA SER A 33 7.63 -7.34 8.85
C SER A 33 8.05 -6.18 9.74
N ILE A 34 8.33 -5.06 9.10
CA ILE A 34 8.61 -3.81 9.80
C ILE A 34 7.61 -2.79 9.27
N ALA A 35 6.78 -2.27 10.18
CA ALA A 35 5.86 -1.20 9.83
C ALA A 35 6.62 0.13 9.69
N VAL A 36 6.22 0.96 8.73
CA VAL A 36 6.82 2.27 8.51
C VAL A 36 5.79 3.35 8.87
N VAL A 37 6.19 4.30 9.71
CA VAL A 37 5.28 5.31 10.25
C VAL A 37 5.59 6.65 9.62
N ASN A 38 4.54 7.31 9.13
CA ASN A 38 4.64 8.72 8.73
C ASN A 38 4.77 9.58 9.98
N PRO A 39 5.87 10.30 10.16
CA PRO A 39 6.00 11.10 11.38
C PRO A 39 5.02 12.25 11.46
N ALA A 40 4.49 12.70 10.32
CA ALA A 40 3.59 13.85 10.32
C ALA A 40 2.19 13.50 10.80
N THR A 41 1.80 12.24 10.66
CA THR A 41 0.49 11.78 11.11
C THR A 41 0.52 10.62 12.09
N GLU A 42 1.68 10.01 12.33
CA GLU A 42 1.79 8.87 13.24
C GLU A 42 1.03 7.64 12.75
N GLU A 43 0.73 7.53 11.46
CA GLU A 43 0.08 6.37 10.88
C GLU A 43 1.10 5.49 10.15
N VAL A 44 0.94 4.17 10.28
CA VAL A 44 1.76 3.25 9.49
C VAL A 44 1.27 3.34 8.05
N VAL A 45 2.19 3.62 7.14
CA VAL A 45 1.87 3.82 5.74
C VAL A 45 2.37 2.68 4.88
N ALA A 46 3.01 1.68 5.46
CA ALA A 46 3.58 0.62 4.66
C ALA A 46 4.37 -0.32 5.57
N HIS A 47 4.71 -1.47 5.02
CA HIS A 47 5.53 -2.46 5.69
C HIS A 47 6.66 -2.85 4.76
N VAL A 48 7.75 -3.30 5.37
CA VAL A 48 8.89 -3.85 4.63
C VAL A 48 9.39 -5.07 5.40
N ALA A 49 10.14 -5.90 4.69
CA ALA A 49 10.60 -7.16 5.25
C ALA A 49 11.77 -6.92 6.21
N SER A 50 11.93 -7.87 7.15
CA SER A 50 12.99 -7.84 8.16
C SER A 50 13.93 -9.01 7.91
N GLY A 51 15.15 -8.70 7.46
CA GLY A 51 16.10 -9.71 7.09
C GLY A 51 16.68 -10.46 8.27
N SER A 52 17.16 -11.65 7.97
CA SER A 52 17.86 -12.51 8.90
C SER A 52 19.32 -12.61 8.46
N ALA A 53 20.13 -13.28 9.27
CA ALA A 53 21.50 -13.53 8.86
C ALA A 53 21.55 -14.31 7.55
N ALA A 54 20.58 -15.21 7.34
CA ALA A 54 20.55 -16.01 6.11
C ALA A 54 20.32 -15.13 4.88
N ASP A 55 19.48 -14.11 5.01
CA ASP A 55 19.30 -13.16 3.92
C ASP A 55 20.59 -12.39 3.62
N VAL A 56 21.27 -11.93 4.67
CA VAL A 56 22.55 -11.26 4.49
C VAL A 56 23.56 -12.20 3.84
N ASP A 57 23.45 -13.51 4.10
CA ASP A 57 24.27 -14.48 3.39
C ASP A 57 23.98 -14.49 1.89
N ARG A 58 22.71 -14.58 1.50
CA ARG A 58 22.41 -14.58 0.08
C ARG A 58 22.94 -13.32 -0.59
N ALA A 59 22.84 -12.20 0.11
CA ALA A 59 23.27 -10.95 -0.50
C ALA A 59 24.80 -10.90 -0.64
N VAL A 60 25.53 -11.30 0.42
CA VAL A 60 26.99 -11.33 0.31
C VAL A 60 27.43 -12.28 -0.81
N ALA A 61 26.80 -13.45 -0.89
CA ALA A 61 27.12 -14.38 -1.98
C ALA A 61 26.93 -13.72 -3.35
N ALA A 62 25.83 -12.98 -3.54
CA ALA A 62 25.64 -12.31 -4.83
C ALA A 62 26.73 -11.30 -5.07
N ALA A 63 27.06 -10.50 -4.04
CA ALA A 63 28.12 -9.51 -4.18
C ALA A 63 29.44 -10.17 -4.51
N ARG A 64 29.81 -11.20 -3.75
CA ARG A 64 31.03 -11.93 -4.07
C ARG A 64 31.03 -12.39 -5.52
N ALA A 65 30.01 -13.15 -5.92
CA ALA A 65 29.98 -13.70 -7.28
C ALA A 65 30.08 -12.62 -8.36
N ALA A 66 29.52 -11.43 -8.14
CA ALA A 66 29.55 -10.36 -9.13
C ALA A 66 30.83 -9.54 -9.12
N PHE A 67 31.73 -9.76 -8.16
CA PHE A 67 32.84 -8.83 -7.96
C PHE A 67 33.88 -8.91 -9.08
N ALA A 68 34.20 -10.13 -9.54
CA ALA A 68 35.20 -10.28 -10.59
C ALA A 68 34.77 -9.58 -11.88
N GLY A 69 33.52 -9.83 -12.33
CA GLY A 69 33.05 -9.18 -13.54
C GLY A 69 33.06 -7.67 -13.44
N TRP A 70 32.56 -7.13 -12.33
CA TRP A 70 32.43 -5.68 -12.18
C TRP A 70 33.79 -5.02 -12.02
N SER A 71 34.63 -5.53 -11.12
CA SER A 71 35.98 -4.98 -10.98
C SER A 71 36.78 -5.14 -12.27
N GLY A 72 36.46 -6.17 -13.08
CA GLY A 72 37.06 -6.30 -14.38
C GLY A 72 36.46 -5.42 -15.45
N THR A 73 35.45 -4.62 -15.14
CA THR A 73 34.89 -3.69 -16.11
C THR A 73 35.69 -2.38 -16.08
N SER A 74 35.95 -1.84 -17.27
CA SER A 74 36.83 -0.70 -17.40
C SER A 74 36.27 0.51 -16.67
N PRO A 75 37.13 1.32 -16.07
CA PRO A 75 36.65 2.58 -15.46
C PRO A 75 35.71 3.36 -16.37
N GLU A 76 36.06 3.53 -17.65
CA GLU A 76 35.18 4.27 -18.55
C GLU A 76 33.78 3.67 -18.56
N VAL A 77 33.68 2.34 -18.59
CA VAL A 77 32.38 1.72 -18.71
C VAL A 77 31.63 1.77 -17.38
N ARG A 78 32.32 1.53 -16.27
CA ARG A 78 31.67 1.77 -14.97
C ARG A 78 31.12 3.19 -14.88
N ALA A 79 31.92 4.17 -15.32
CA ALA A 79 31.47 5.57 -15.29
C ALA A 79 30.20 5.77 -16.11
N GLN A 80 30.00 4.98 -17.15
CA GLN A 80 28.78 5.11 -17.95
C GLN A 80 27.55 4.67 -17.17
N VAL A 81 27.66 3.57 -16.43
CA VAL A 81 26.52 3.09 -15.63
C VAL A 81 26.18 4.11 -14.55
N ILE A 82 27.22 4.61 -13.88
CA ILE A 82 27.03 5.59 -12.83
C ILE A 82 26.40 6.84 -13.40
N GLY A 83 26.89 7.29 -14.57
CA GLY A 83 26.28 8.43 -15.22
C GLY A 83 24.79 8.23 -15.41
N ARG A 84 24.39 7.03 -15.86
CA ARG A 84 22.98 6.74 -16.12
C ARG A 84 22.17 6.72 -14.83
N ILE A 85 22.69 6.07 -13.79
CA ILE A 85 22.09 6.20 -12.47
C ILE A 85 21.80 7.66 -12.14
N HIS A 86 22.77 8.56 -12.37
CA HIS A 86 22.56 9.97 -12.05
C HIS A 86 21.42 10.58 -12.87
N GLU A 87 21.34 10.25 -14.16
CA GLU A 87 20.23 10.73 -14.97
C GLU A 87 18.90 10.30 -14.38
N LEU A 88 18.83 9.05 -13.90
CA LEU A 88 17.56 8.51 -13.43
C LEU A 88 17.14 9.16 -12.12
N ILE A 89 18.11 9.45 -11.24
CA ILE A 89 17.80 10.20 -10.03
C ILE A 89 17.15 11.53 -10.39
N ILE A 90 17.73 12.24 -11.39
CA ILE A 90 17.22 13.56 -11.78
C ILE A 90 15.84 13.43 -12.41
N GLU A 91 15.61 12.33 -13.13
CA GLU A 91 14.33 12.08 -13.79
C GLU A 91 13.25 11.72 -12.77
N ARG A 92 13.59 10.94 -11.77
CA ARG A 92 12.63 10.48 -10.78
C ARG A 92 12.73 11.27 -9.48
N LYS A 93 13.23 12.51 -9.54
CA LYS A 93 13.52 13.24 -8.32
C LYS A 93 12.24 13.57 -7.54
N GLU A 94 11.17 13.94 -8.23
CA GLU A 94 9.91 14.23 -7.55
C GLU A 94 9.37 13.00 -6.83
N GLU A 95 9.43 11.84 -7.47
CA GLU A 95 9.02 10.61 -6.81
C GLU A 95 9.88 10.35 -5.59
N LEU A 96 11.19 10.63 -5.71
CA LEU A 96 12.10 10.40 -4.60
C LEU A 96 11.87 11.41 -3.47
N ALA A 97 11.60 12.68 -3.79
CA ALA A 97 11.33 13.66 -2.74
C ALA A 97 10.06 13.31 -1.97
N GLN A 98 9.06 12.75 -2.65
CA GLN A 98 7.83 12.42 -1.95
C GLN A 98 8.01 11.23 -0.99
N ALA A 99 8.84 10.26 -1.35
CA ALA A 99 9.07 9.12 -0.47
C ALA A 99 9.90 9.50 0.77
N ILE A 100 10.94 10.31 0.58
CA ILE A 100 11.71 10.83 1.71
C ILE A 100 10.80 11.57 2.69
N SER A 101 10.06 12.55 2.19
CA SER A 101 9.10 13.29 3.00
C SER A 101 8.15 12.35 3.73
N LEU A 102 7.60 11.37 3.00
CA LEU A 102 6.63 10.46 3.62
C LEU A 102 7.23 9.68 4.78
N GLU A 103 8.47 9.19 4.61
CA GLU A 103 9.02 8.25 5.59
C GLU A 103 9.62 8.97 6.79
N MET A 104 10.31 10.11 6.59
CA MET A 104 10.95 10.77 7.72
C MET A 104 10.55 12.23 7.88
N GLY A 105 9.47 12.66 7.23
CA GLY A 105 8.88 13.94 7.57
C GLY A 105 9.55 15.18 7.03
N ALA A 106 10.55 15.05 6.15
CA ALA A 106 11.19 16.24 5.59
C ALA A 106 10.19 17.10 4.83
N ALA A 107 10.14 18.39 5.19
CA ALA A 107 9.34 19.34 4.44
C ALA A 107 9.54 19.14 2.93
N ILE A 108 8.43 18.92 2.22
CA ILE A 108 8.53 18.59 0.79
C ILE A 108 9.42 19.58 0.07
N SER A 109 9.33 20.85 0.43
CA SER A 109 10.21 21.86 -0.14
C SER A 109 11.66 21.51 0.08
N SER A 110 12.00 21.09 1.29
CA SER A 110 13.35 20.64 1.64
C SER A 110 13.75 19.40 0.86
N ALA A 111 12.79 18.51 0.58
CA ALA A 111 13.14 17.26 -0.08
C ALA A 111 13.48 17.49 -1.53
N ARG A 112 12.80 18.44 -2.17
CA ARG A 112 13.08 18.75 -3.57
C ARG A 112 14.37 19.54 -3.72
N ALA A 113 14.61 20.50 -2.83
CA ALA A 113 15.71 21.44 -3.01
C ALA A 113 17.05 20.87 -2.60
N MET A 114 17.06 19.89 -1.69
CA MET A 114 18.33 19.49 -1.11
C MET A 114 18.46 18.01 -0.85
N GLN A 115 17.46 17.43 -0.19
CA GLN A 115 17.45 16.00 0.11
C GLN A 115 17.76 15.16 -1.13
N VAL A 116 17.18 15.50 -2.29
CA VAL A 116 17.47 14.76 -3.52
C VAL A 116 18.66 15.33 -4.29
N PRO A 117 18.68 16.63 -4.61
CA PRO A 117 19.78 17.15 -5.43
C PRO A 117 21.16 16.97 -4.83
N LEU A 118 21.31 17.12 -3.52
CA LEU A 118 22.62 16.90 -2.94
C LEU A 118 23.05 15.45 -3.08
N ALA A 119 22.10 14.51 -2.95
CA ALA A 119 22.38 13.10 -3.21
C ALA A 119 22.80 12.88 -4.67
N ALA A 120 22.07 13.48 -5.62
CA ALA A 120 22.48 13.40 -7.03
C ALA A 120 23.96 13.78 -7.19
N GLU A 121 24.41 14.80 -6.45
CA GLU A 121 25.74 15.35 -6.62
C GLU A 121 26.84 14.34 -6.32
N HIS A 122 26.68 13.55 -5.25
CA HIS A 122 27.65 12.49 -4.97
C HIS A 122 27.81 11.56 -6.17
N VAL A 123 26.71 11.21 -6.82
CA VAL A 123 26.76 10.31 -7.96
C VAL A 123 27.47 11.00 -9.13
N ARG A 124 27.21 12.29 -9.33
CA ARG A 124 27.88 13.01 -10.41
C ARG A 124 29.39 13.05 -10.19
N VAL A 125 29.80 13.33 -8.95
CA VAL A 125 31.21 13.47 -8.60
C VAL A 125 31.96 12.17 -8.82
N ALA A 126 31.35 11.03 -8.47
CA ALA A 126 32.00 9.74 -8.70
C ALA A 126 32.08 9.42 -10.18
N ARG A 127 31.11 9.87 -10.98
CA ARG A 127 31.20 9.67 -12.42
C ARG A 127 32.38 10.44 -13.00
N ASP A 128 32.38 11.76 -12.83
CA ASP A 128 33.43 12.60 -13.40
C ASP A 128 34.80 12.14 -12.94
N LEU A 129 34.85 11.56 -11.75
CA LEU A 129 36.11 11.25 -11.10
C LEU A 129 36.88 10.16 -11.85
N LEU A 130 36.14 9.17 -12.38
CA LEU A 130 36.78 8.08 -13.09
C LEU A 130 37.50 8.56 -14.34
N ALA A 131 37.18 9.76 -14.84
CA ALA A 131 37.77 10.25 -16.08
C ALA A 131 39.25 10.57 -15.93
N THR A 132 39.68 10.90 -14.72
CA THR A 132 41.04 11.36 -14.48
C THR A 132 41.82 10.47 -13.53
N TYR A 133 41.14 9.66 -12.72
CA TYR A 133 41.84 8.94 -11.66
C TYR A 133 42.86 7.96 -12.22
N ARG A 134 44.07 8.01 -11.67
CA ARG A 134 45.15 7.14 -12.09
C ARG A 134 45.18 5.93 -11.16
N PHE A 135 44.76 4.77 -11.66
CA PHE A 135 44.77 3.58 -10.82
C PHE A 135 46.16 2.99 -10.68
N GLN A 136 47.04 3.23 -11.65
CA GLN A 136 48.43 2.82 -11.56
C GLN A 136 49.35 4.04 -11.66
N THR A 137 50.45 3.98 -10.93
CA THR A 137 51.49 5.00 -10.91
C THR A 137 52.84 4.30 -10.88
N VAL A 138 53.83 4.86 -11.54
CA VAL A 138 55.13 4.22 -11.66
C VAL A 138 56.18 5.21 -11.15
N GLU A 139 56.84 4.84 -10.05
CA GLU A 139 57.82 5.70 -9.36
C GLU A 139 59.25 5.30 -9.63
N GLY A 140 59.49 4.40 -10.59
CA GLY A 140 60.82 3.91 -10.84
C GLY A 140 60.80 2.47 -11.30
N GLY A 141 61.29 1.55 -10.46
CA GLY A 141 61.05 0.12 -10.59
C GLY A 141 59.87 -0.36 -9.77
N THR A 142 59.17 0.53 -9.08
CA THR A 142 58.02 0.19 -8.26
C THR A 142 56.78 0.86 -8.82
N ALA A 143 55.69 0.10 -8.90
CA ALA A 143 54.40 0.61 -9.39
C ALA A 143 53.36 0.49 -8.30
N ILE A 144 52.55 1.54 -8.15
CA ILE A 144 51.43 1.58 -7.22
C ILE A 144 50.15 1.32 -8.00
N GLU A 145 49.42 0.28 -7.64
CA GLU A 145 48.12 0.01 -8.25
C GLU A 145 47.04 0.14 -7.19
N ARG A 146 45.99 0.88 -7.49
CA ARG A 146 44.86 1.04 -6.60
C ARG A 146 43.74 0.12 -7.06
N GLU A 147 43.28 -0.76 -6.17
CA GLU A 147 42.32 -1.79 -6.53
C GLU A 147 41.14 -1.73 -5.59
N PRO A 148 39.94 -2.14 -6.06
CA PRO A 148 38.79 -2.23 -5.16
C PRO A 148 39.06 -3.20 -4.03
N ILE A 149 38.59 -2.85 -2.84
CA ILE A 149 38.87 -3.73 -1.71
C ILE A 149 37.96 -4.96 -1.71
N GLY A 150 36.81 -4.91 -2.39
CA GLY A 150 36.00 -6.09 -2.58
C GLY A 150 34.52 -5.93 -2.28
N VAL A 151 33.99 -6.84 -1.45
CA VAL A 151 32.60 -6.78 -1.02
C VAL A 151 32.50 -5.86 0.19
N CYS A 152 31.54 -4.92 0.16
CA CYS A 152 31.41 -3.85 1.14
C CYS A 152 30.03 -3.85 1.77
N ALA A 153 29.97 -3.73 3.10
CA ALA A 153 28.72 -3.56 3.84
C ALA A 153 28.47 -2.08 4.10
N LEU A 154 27.29 -1.59 3.71
CA LEU A 154 26.93 -0.20 3.91
C LEU A 154 25.69 -0.11 4.79
N ILE A 155 25.79 0.66 5.86
CA ILE A 155 24.70 0.88 6.80
C ILE A 155 24.47 2.39 6.91
N THR A 156 23.21 2.82 6.75
CA THR A 156 22.90 4.23 6.65
C THR A 156 21.77 4.63 7.59
N PRO A 157 21.70 5.94 7.96
CA PRO A 157 20.69 6.42 8.90
C PRO A 157 19.46 6.96 8.17
N TRP A 158 18.54 7.58 8.90
CA TRP A 158 17.26 7.99 8.31
C TRP A 158 17.13 9.49 8.03
N ASN A 159 18.10 10.31 8.45
CA ASN A 159 17.91 11.76 8.47
C ASN A 159 18.16 12.40 7.11
N TRP A 160 19.12 11.87 6.36
CA TRP A 160 19.35 12.24 4.97
C TRP A 160 19.42 10.95 4.14
N PRO A 161 18.28 10.25 4.00
CA PRO A 161 18.34 8.82 3.63
C PRO A 161 18.94 8.57 2.24
N LEU A 162 18.42 9.22 1.19
CA LEU A 162 18.99 9.01 -0.14
C LEU A 162 20.42 9.52 -0.21
N TYR A 163 20.64 10.73 0.28
CA TYR A 163 21.97 11.35 0.29
C TYR A 163 23.02 10.45 0.96
N GLN A 164 22.71 9.86 2.11
CA GLN A 164 23.71 9.03 2.78
C GLN A 164 23.94 7.72 2.03
N ILE A 165 22.93 7.23 1.29
CA ILE A 165 23.10 6.04 0.47
C ILE A 165 24.03 6.32 -0.71
N THR A 166 23.93 7.53 -1.25
CA THR A 166 24.69 7.94 -2.42
C THR A 166 26.18 8.19 -2.09
N ALA A 167 26.46 8.83 -0.94
CA ALA A 167 27.84 9.04 -0.53
C ALA A 167 28.61 7.74 -0.43
N LYS A 168 27.92 6.64 -0.15
CA LYS A 168 28.59 5.35 0.00
C LYS A 168 28.57 4.54 -1.29
N VAL A 169 27.40 4.46 -1.95
CA VAL A 169 27.23 3.55 -3.07
C VAL A 169 27.98 4.06 -4.29
N ALA A 170 27.84 5.35 -4.59
CA ALA A 170 28.48 5.88 -5.80
C ALA A 170 29.99 5.63 -5.78
N PRO A 171 30.73 6.09 -4.78
CA PRO A 171 32.19 5.82 -4.77
C PRO A 171 32.52 4.33 -4.74
N ALA A 172 31.82 3.55 -3.92
CA ALA A 172 32.04 2.11 -3.85
C ALA A 172 31.92 1.45 -5.22
N ILE A 173 30.83 1.73 -5.92
CA ILE A 173 30.60 1.18 -7.25
C ILE A 173 31.67 1.65 -8.23
N ALA A 174 32.03 2.94 -8.13
CA ALA A 174 32.97 3.52 -9.08
C ALA A 174 34.34 2.87 -8.95
N ALA A 175 34.75 2.60 -7.70
CA ALA A 175 36.03 1.97 -7.41
C ALA A 175 36.13 0.55 -7.93
N GLY A 176 35.00 -0.02 -8.36
CA GLY A 176 34.93 -1.42 -8.71
C GLY A 176 34.50 -2.33 -7.58
N CYS A 177 34.04 -1.78 -6.47
CA CYS A 177 33.56 -2.65 -5.41
C CYS A 177 32.16 -3.21 -5.71
N THR A 178 31.79 -4.19 -4.91
CA THR A 178 30.45 -4.77 -4.90
C THR A 178 29.89 -4.58 -3.49
N VAL A 179 28.59 -4.39 -3.39
CA VAL A 179 28.04 -3.71 -2.22
C VAL A 179 26.72 -4.34 -1.77
N VAL A 180 26.55 -4.49 -0.46
CA VAL A 180 25.28 -4.88 0.15
C VAL A 180 24.90 -3.82 1.18
N LEU A 181 23.70 -3.24 1.02
CA LEU A 181 23.27 -2.06 1.77
C LEU A 181 22.14 -2.43 2.71
N LYS A 182 22.26 -2.04 3.98
CA LYS A 182 21.12 -2.08 4.89
C LYS A 182 20.68 -0.66 5.16
N PRO A 183 19.56 -0.20 4.61
CA PRO A 183 19.07 1.15 4.92
C PRO A 183 18.55 1.19 6.34
N SER A 184 18.32 2.41 6.81
CA SER A 184 17.59 2.58 8.06
C SER A 184 16.21 1.95 7.97
N GLU A 185 15.85 1.17 8.99
CA GLU A 185 14.49 0.65 9.01
C GLU A 185 13.46 1.74 9.26
N LEU A 186 13.89 2.94 9.63
CA LEU A 186 12.99 4.08 9.75
C LEU A 186 12.96 4.96 8.51
N SER A 187 13.62 4.58 7.43
CA SER A 187 13.51 5.31 6.17
C SER A 187 13.75 4.35 5.01
N PRO A 188 13.00 3.27 4.95
CA PRO A 188 13.28 2.24 3.95
C PRO A 188 12.64 2.51 2.59
N LEU A 189 11.65 3.41 2.52
CA LEU A 189 10.87 3.54 1.30
C LEU A 189 11.68 4.13 0.16
N SER A 190 12.50 5.15 0.45
CA SER A 190 13.28 5.79 -0.60
C SER A 190 14.41 4.88 -1.06
N ALA A 191 14.99 4.11 -0.14
CA ALA A 191 15.93 3.07 -0.54
C ALA A 191 15.27 2.08 -1.51
N LEU A 192 14.01 1.72 -1.27
CA LEU A 192 13.29 0.84 -2.19
C LEU A 192 13.25 1.42 -3.59
N LEU A 193 12.94 2.72 -3.72
CA LEU A 193 12.97 3.38 -5.03
C LEU A 193 14.38 3.42 -5.61
N PHE A 194 15.38 3.65 -4.76
CA PHE A 194 16.76 3.73 -5.24
C PHE A 194 17.24 2.40 -5.83
N ALA A 195 16.93 1.29 -5.17
CA ALA A 195 17.29 -0.02 -5.70
C ALA A 195 16.66 -0.23 -7.08
N GLN A 196 15.36 0.05 -7.20
CA GLN A 196 14.70 -0.01 -8.50
C GLN A 196 15.43 0.84 -9.52
N LEU A 197 15.96 1.98 -9.08
CA LEU A 197 16.62 2.95 -9.96
C LEU A 197 17.93 2.41 -10.50
N VAL A 198 18.79 1.83 -9.63
CA VAL A 198 20.03 1.25 -10.15
C VAL A 198 19.71 0.05 -11.04
N HIS A 199 18.64 -0.70 -10.74
CA HIS A 199 18.24 -1.77 -11.64
C HIS A 199 17.94 -1.24 -13.03
N ASP A 200 17.06 -0.24 -13.11
CA ASP A 200 16.69 0.36 -14.38
C ASP A 200 17.88 1.04 -15.07
N ALA A 201 18.85 1.53 -14.29
CA ALA A 201 20.02 2.18 -14.87
C ALA A 201 20.98 1.21 -15.54
N GLY A 202 20.86 -0.08 -15.29
CA GLY A 202 21.70 -1.09 -15.93
C GLY A 202 22.84 -1.66 -15.11
N LEU A 203 22.75 -1.65 -13.80
CA LEU A 203 23.86 -2.13 -12.98
C LEU A 203 23.84 -3.66 -12.95
N PRO A 204 24.94 -4.32 -13.28
CA PRO A 204 24.90 -5.78 -13.41
C PRO A 204 24.43 -6.43 -12.13
N PRO A 205 23.70 -7.54 -12.23
CA PRO A 205 23.26 -8.29 -11.05
C PRO A 205 24.37 -8.53 -10.04
N GLY A 206 24.08 -8.26 -8.77
CA GLY A 206 25.01 -8.54 -7.71
C GLY A 206 25.96 -7.42 -7.37
N VAL A 207 26.04 -6.37 -8.19
CA VAL A 207 26.92 -5.26 -7.81
C VAL A 207 26.32 -4.48 -6.65
N PHE A 208 24.98 -4.35 -6.62
CA PHE A 208 24.28 -3.63 -5.56
C PHE A 208 23.18 -4.52 -4.99
N ASN A 209 23.17 -4.67 -3.66
CA ASN A 209 22.20 -5.52 -3.00
C ASN A 209 21.60 -4.80 -1.81
N LEU A 210 20.28 -4.94 -1.65
CA LEU A 210 19.51 -4.26 -0.61
C LEU A 210 18.86 -5.28 0.32
N VAL A 211 19.10 -5.15 1.63
CA VAL A 211 18.40 -5.96 2.62
C VAL A 211 17.89 -5.02 3.71
N ASN A 212 16.62 -5.17 4.06
CA ASN A 212 16.03 -4.41 5.14
C ASN A 212 16.10 -5.19 6.44
N GLY A 213 16.10 -4.47 7.54
CA GLY A 213 15.99 -5.10 8.85
C GLY A 213 16.61 -4.25 9.93
N SER A 214 16.64 -4.82 11.13
CA SER A 214 17.16 -4.11 12.28
C SER A 214 18.68 -4.00 12.19
N GLY A 215 19.22 -2.97 12.83
CA GLY A 215 20.64 -2.80 12.97
C GLY A 215 21.31 -4.01 13.58
N PRO A 216 20.93 -4.37 14.82
CA PRO A 216 21.61 -5.47 15.50
C PRO A 216 21.56 -6.80 14.76
N GLU A 217 20.48 -7.10 14.05
CA GLU A 217 20.37 -8.40 13.38
C GLU A 217 21.03 -8.39 12.01
N VAL A 218 20.54 -7.56 11.09
CA VAL A 218 21.13 -7.46 9.76
C VAL A 218 22.51 -6.80 9.82
N GLY A 219 22.58 -5.58 10.39
CA GLY A 219 23.87 -4.93 10.56
C GLY A 219 24.89 -5.78 11.31
N GLY A 220 24.45 -6.51 12.35
CA GLY A 220 25.37 -7.36 13.07
C GLY A 220 25.91 -8.47 12.21
N ALA A 221 25.02 -9.13 11.44
CA ALA A 221 25.45 -10.15 10.49
C ALA A 221 26.49 -9.61 9.52
N MET A 222 26.29 -8.39 9.02
CA MET A 222 27.23 -7.81 8.07
C MET A 222 28.58 -7.56 8.73
N ALA A 223 28.57 -6.94 9.93
CA ALA A 223 29.81 -6.60 10.60
C ALA A 223 30.66 -7.83 10.87
N ALA A 224 30.03 -8.98 11.07
CA ALA A 224 30.72 -10.21 11.41
C ALA A 224 30.94 -11.14 10.23
N HIS A 225 30.51 -10.79 9.05
CA HIS A 225 30.51 -11.77 7.97
C HIS A 225 31.93 -12.07 7.52
N PRO A 226 32.30 -13.35 7.39
CA PRO A 226 33.68 -13.68 6.98
C PRO A 226 34.00 -13.33 5.53
N ASP A 227 33.03 -12.97 4.72
CA ASP A 227 33.28 -12.73 3.31
C ASP A 227 33.11 -11.28 2.93
N ILE A 228 32.97 -10.39 3.92
CA ILE A 228 32.86 -8.95 3.68
C ILE A 228 34.21 -8.31 3.99
N ASP A 229 34.74 -7.58 3.02
CA ASP A 229 36.09 -7.06 3.15
C ASP A 229 36.12 -5.71 3.84
N MET A 230 35.00 -5.01 3.87
CA MET A 230 34.94 -3.68 4.41
C MET A 230 33.50 -3.39 4.82
N ILE A 231 33.34 -2.57 5.85
CA ILE A 231 32.04 -2.10 6.30
C ILE A 231 32.13 -0.60 6.57
N SER A 232 31.12 0.13 6.10
CA SER A 232 31.02 1.57 6.29
C SER A 232 29.67 1.87 6.93
N ILE A 233 29.69 2.60 8.02
CA ILE A 233 28.47 2.90 8.76
C ILE A 233 28.41 4.39 9.05
N THR A 234 27.25 4.98 8.76
CA THR A 234 26.85 6.32 9.18
C THR A 234 25.70 6.16 10.18
N GLY A 235 25.97 6.51 11.43
CA GLY A 235 24.97 6.31 12.47
C GLY A 235 25.44 6.82 13.82
N SER A 236 24.85 6.26 14.88
CA SER A 236 25.17 6.70 16.22
C SER A 236 26.51 6.14 16.67
N ASN A 237 27.13 6.84 17.60
CA ASN A 237 28.35 6.31 18.21
C ASN A 237 28.10 4.93 18.80
N ARG A 238 26.95 4.75 19.48
CA ARG A 238 26.69 3.43 20.06
C ARG A 238 26.76 2.33 19.00
N ALA A 239 26.13 2.57 17.85
CA ALA A 239 26.13 1.57 16.78
C ALA A 239 27.50 1.49 16.12
N GLY A 240 28.17 2.63 15.94
CA GLY A 240 29.48 2.61 15.30
C GLY A 240 30.46 1.73 16.04
N ALA A 241 30.47 1.82 17.36
CA ALA A 241 31.44 1.05 18.14
C ALA A 241 31.10 -0.44 18.11
N LEU A 242 29.80 -0.78 18.21
CA LEU A 242 29.40 -2.19 18.12
C LEU A 242 29.78 -2.81 16.79
N VAL A 243 29.64 -2.06 15.69
CA VAL A 243 30.09 -2.65 14.42
C VAL A 243 31.62 -2.78 14.43
N ALA A 244 32.34 -1.78 14.92
CA ALA A 244 33.80 -1.91 15.00
C ALA A 244 34.19 -3.17 15.76
N GLN A 245 33.58 -3.38 16.94
CA GLN A 245 33.87 -4.56 17.74
C GLN A 245 33.48 -5.84 17.02
N ALA A 246 32.32 -5.84 16.35
CA ALA A 246 31.90 -7.05 15.65
C ALA A 246 32.83 -7.38 14.49
N ALA A 247 33.43 -6.34 13.87
CA ALA A 247 34.29 -6.48 12.70
C ALA A 247 35.74 -6.82 13.02
N ALA A 248 36.19 -6.60 14.25
CA ALA A 248 37.60 -6.76 14.56
C ALA A 248 38.16 -8.13 14.20
N PRO A 249 37.52 -9.25 14.57
CA PRO A 249 38.18 -10.56 14.31
C PRO A 249 38.38 -10.88 12.84
N THR A 250 37.58 -10.33 11.92
CA THR A 250 37.86 -10.52 10.50
C THR A 250 38.75 -9.43 9.90
N VAL A 251 39.10 -8.40 10.68
CA VAL A 251 40.08 -7.39 10.28
C VAL A 251 39.58 -6.62 9.08
N LYS A 252 38.28 -6.37 9.02
CA LYS A 252 37.74 -5.56 7.93
C LYS A 252 38.26 -4.13 8.03
N ARG A 253 38.22 -3.44 6.89
CA ARG A 253 38.29 -1.99 6.87
C ARG A 253 36.98 -1.42 7.40
N VAL A 254 37.08 -0.53 8.38
CA VAL A 254 35.94 0.01 9.10
C VAL A 254 35.89 1.51 8.83
N THR A 255 34.80 1.96 8.25
CA THR A 255 34.57 3.38 8.00
C THR A 255 33.36 3.83 8.80
N GLN A 256 33.51 4.93 9.55
CA GLN A 256 32.48 5.38 10.49
C GLN A 256 32.29 6.89 10.41
N GLU A 257 31.03 7.29 10.29
CA GLU A 257 30.59 8.68 10.33
C GLU A 257 29.59 8.74 11.46
N LEU A 258 29.97 9.35 12.59
CA LEU A 258 29.15 9.29 13.79
C LEU A 258 28.68 10.66 14.28
N GLY A 259 28.55 10.82 15.60
CA GLY A 259 27.92 12.00 16.17
C GLY A 259 28.77 13.26 16.05
N GLY A 260 28.15 14.39 16.39
CA GLY A 260 28.82 15.67 16.44
C GLY A 260 28.15 16.65 17.37
N LYS A 261 28.89 17.71 17.71
CA LYS A 261 28.40 18.85 18.50
C LYS A 261 29.06 20.10 17.94
N SER A 262 28.75 20.42 16.70
CA SER A 262 29.61 21.30 15.94
C SER A 262 29.47 22.73 16.45
N PRO A 263 30.60 23.42 16.71
CA PRO A 263 30.54 24.80 17.19
C PRO A 263 30.38 25.80 16.06
N ASN A 264 29.79 26.94 16.41
CA ASN A 264 29.70 28.12 15.55
C ASN A 264 30.26 29.29 16.37
N ILE A 265 31.50 29.69 16.06
CA ILE A 265 32.14 30.81 16.72
C ILE A 265 31.86 32.08 15.91
N LEU A 266 31.21 33.05 16.55
CA LEU A 266 31.13 34.40 16.02
C LEU A 266 32.27 35.21 16.64
N LEU A 267 33.27 35.55 15.81
CA LEU A 267 34.36 36.40 16.21
C LEU A 267 33.87 37.83 16.43
N PRO A 268 34.57 38.61 17.26
CA PRO A 268 34.03 39.93 17.67
C PRO A 268 33.78 40.88 16.51
N ASP A 269 34.50 40.72 15.41
CA ASP A 269 34.36 41.64 14.26
C ASP A 269 33.27 41.20 13.31
N ALA A 270 32.44 40.25 13.70
CA ALA A 270 31.38 39.76 12.79
C ALA A 270 30.16 40.67 12.80
N ASP A 271 29.38 40.68 11.73
CA ASP A 271 28.15 41.49 11.69
C ASP A 271 27.07 40.64 12.37
N PHE A 272 26.90 40.83 13.67
CA PHE A 272 26.03 39.97 14.49
C PHE A 272 24.60 39.96 13.97
N ALA A 273 24.08 41.09 13.54
CA ALA A 273 22.70 41.10 13.03
C ALA A 273 22.58 40.19 11.82
N ASN A 274 23.56 40.19 10.92
CA ASN A 274 23.46 39.34 9.72
C ASN A 274 24.04 37.95 9.94
N ALA A 275 24.74 37.69 11.03
CA ALA A 275 25.35 36.35 11.17
C ALA A 275 24.57 35.45 12.14
N VAL A 276 23.86 36.00 13.11
CA VAL A 276 23.12 35.12 14.05
C VAL A 276 21.99 34.37 13.36
N PRO A 277 21.19 35.00 12.50
CA PRO A 277 20.10 34.31 11.86
C PRO A 277 20.55 33.12 10.99
N PRO A 278 21.58 33.23 10.15
CA PRO A 278 22.02 32.11 9.34
C PRO A 278 22.53 30.97 10.23
N GLY A 279 23.21 31.28 11.32
CA GLY A 279 23.62 30.23 12.23
C GLY A 279 22.46 29.47 12.82
N VAL A 280 21.40 30.19 13.25
CA VAL A 280 20.19 29.55 13.77
C VAL A 280 19.56 28.69 12.70
N MET A 281 19.39 29.24 11.50
CA MET A 281 18.89 28.46 10.39
C MET A 281 19.78 27.24 10.13
N ALA A 282 21.10 27.41 10.18
CA ALA A 282 21.99 26.26 10.02
C ALA A 282 21.79 25.24 11.13
N ALA A 283 21.67 25.69 12.37
CA ALA A 283 21.51 24.74 13.46
C ALA A 283 20.23 23.92 13.27
N PHE A 284 19.16 24.54 12.77
CA PHE A 284 17.83 23.92 12.70
C PHE A 284 17.51 23.34 11.33
N ARG A 285 18.45 23.32 10.39
CA ARG A 285 18.21 22.66 9.11
C ARG A 285 17.85 21.20 9.31
N ASN A 286 16.86 20.73 8.56
CA ASN A 286 16.39 19.35 8.70
C ASN A 286 15.92 19.12 10.13
N VAL A 287 15.36 20.17 10.72
CA VAL A 287 14.83 20.23 12.09
C VAL A 287 15.88 19.68 13.07
N GLY A 288 17.12 20.15 12.91
CA GLY A 288 18.20 19.71 13.77
C GLY A 288 18.65 18.27 13.57
N GLN A 289 18.08 17.52 12.63
CA GLN A 289 18.41 16.11 12.49
C GLN A 289 19.57 15.94 11.50
N SER A 290 20.75 16.37 11.98
CA SER A 290 21.95 16.40 11.16
C SER A 290 23.18 16.45 12.06
N ALA A 291 24.10 15.51 11.88
CA ALA A 291 25.23 15.39 12.79
C ALA A 291 26.15 16.61 12.73
N SER A 292 26.30 17.21 11.57
CA SER A 292 27.23 18.32 11.44
C SER A 292 26.59 19.67 11.78
N ALA A 293 25.34 19.69 12.18
CA ALA A 293 24.66 20.96 12.43
C ALA A 293 25.39 21.75 13.52
N PRO A 294 25.59 23.06 13.32
CA PRO A 294 26.25 23.96 14.31
C PRO A 294 25.34 24.37 15.47
N THR A 295 25.22 23.47 16.44
CA THR A 295 24.29 23.58 17.56
C THR A 295 24.88 24.20 18.83
N ARG A 296 26.16 24.56 18.82
CA ARG A 296 26.77 25.36 19.88
C ARG A 296 27.27 26.65 19.25
N MET A 297 26.56 27.76 19.49
CA MET A 297 26.92 29.06 18.95
C MET A 297 27.71 29.82 20.00
N ILE A 298 28.96 30.17 19.67
CA ILE A 298 29.93 30.68 20.63
C ILE A 298 30.20 32.14 20.30
N VAL A 299 29.90 33.03 21.24
CA VAL A 299 29.78 34.46 20.97
C VAL A 299 30.35 35.25 22.14
N PRO A 300 30.82 36.48 21.87
CA PRO A 300 31.38 37.33 22.94
C PRO A 300 30.37 37.65 24.02
N ARG A 301 30.82 37.59 25.28
CA ARG A 301 29.87 37.74 26.40
C ARG A 301 29.12 39.06 26.28
N ASN A 302 29.84 40.14 26.03
CA ASN A 302 29.22 41.46 25.92
C ASN A 302 28.29 41.54 24.72
N ARG A 303 28.15 40.46 23.97
CA ARG A 303 27.23 40.44 22.84
C ARG A 303 26.10 39.43 23.01
N LEU A 304 26.08 38.71 24.14
CA LEU A 304 25.13 37.61 24.30
C LEU A 304 23.68 38.08 24.24
N ALA A 305 23.34 39.15 24.97
CA ALA A 305 21.94 39.59 24.98
C ALA A 305 21.46 39.97 23.58
N GLU A 306 22.35 40.53 22.75
CA GLU A 306 21.95 40.84 21.38
C GLU A 306 21.70 39.57 20.57
N VAL A 307 22.60 38.58 20.68
CA VAL A 307 22.42 37.37 19.88
C VAL A 307 21.24 36.56 20.39
N GLU A 308 21.01 36.55 21.70
CA GLU A 308 19.80 35.94 22.25
C GLU A 308 18.56 36.48 21.55
N ALA A 309 18.38 37.81 21.59
CA ALA A 309 17.24 38.43 20.92
C ALA A 309 17.18 38.05 19.44
N LEU A 310 18.32 38.06 18.76
CA LEU A 310 18.34 37.74 17.34
C LEU A 310 17.98 36.28 17.10
N ALA A 311 18.29 35.39 18.04
CA ALA A 311 18.02 33.97 17.86
C ALA A 311 16.54 33.66 18.09
N ALA A 312 15.97 34.20 19.17
CA ALA A 312 14.53 34.10 19.37
C ALA A 312 13.78 34.65 18.17
N GLN A 313 14.26 35.77 17.64
CA GLN A 313 13.61 36.43 16.51
C GLN A 313 13.58 35.52 15.29
N THR A 314 14.72 34.95 14.90
CA THR A 314 14.72 34.11 13.70
C THR A 314 14.07 32.76 13.96
N ALA A 315 14.20 32.22 15.17
CA ALA A 315 13.48 30.99 15.52
C ALA A 315 11.98 31.19 15.37
N GLY A 316 11.44 32.26 15.95
CA GLY A 316 10.00 32.50 15.94
C GLY A 316 9.38 32.64 14.57
N THR A 317 10.18 32.84 13.54
CA THR A 317 9.65 32.99 12.19
C THR A 317 9.82 31.73 11.36
N ILE A 318 10.24 30.62 11.96
CA ILE A 318 10.28 29.37 11.21
C ILE A 318 8.88 28.77 11.17
N VAL A 319 8.40 28.49 9.97
CA VAL A 319 7.11 27.85 9.78
C VAL A 319 7.30 26.37 10.00
N VAL A 320 6.69 25.83 11.05
CA VAL A 320 6.70 24.39 11.33
C VAL A 320 5.31 23.87 11.04
N GLY A 321 5.21 22.87 10.19
CA GLY A 321 3.90 22.29 9.96
C GLY A 321 3.92 21.14 9.00
N ASP A 322 2.80 20.98 8.29
CA ASP A 322 2.58 19.84 7.42
C ASP A 322 3.61 19.82 6.29
N PRO A 323 4.40 18.75 6.18
CA PRO A 323 5.41 18.69 5.10
C PRO A 323 4.80 18.68 3.71
N GLN A 324 3.50 18.42 3.59
CA GLN A 324 2.88 18.41 2.27
C GLN A 324 2.70 19.81 1.68
N LEU A 325 2.89 20.86 2.48
CA LEU A 325 2.69 22.23 2.05
C LEU A 325 4.03 22.82 1.62
N GLU A 326 4.04 23.50 0.47
CA GLU A 326 5.29 24.05 -0.05
C GLU A 326 5.85 25.16 0.82
N HIS A 327 5.01 25.81 1.61
CA HIS A 327 5.49 26.90 2.45
C HIS A 327 5.90 26.44 3.85
N THR A 328 5.77 25.15 4.16
CA THR A 328 6.32 24.63 5.41
C THR A 328 7.85 24.63 5.33
N VAL A 329 8.49 25.08 6.41
CA VAL A 329 9.94 25.14 6.46
C VAL A 329 10.52 23.94 7.19
N LEU A 330 9.99 23.62 8.37
CA LEU A 330 10.38 22.43 9.11
C LEU A 330 9.17 21.54 9.28
N GLY A 331 9.36 20.24 9.04
CA GLY A 331 8.38 19.23 9.31
C GLY A 331 8.55 18.71 10.73
N PRO A 332 8.04 17.51 11.02
CA PRO A 332 8.19 16.96 12.36
C PRO A 332 9.56 16.29 12.54
N ILE A 333 9.88 16.00 13.81
CA ILE A 333 10.95 15.06 14.07
C ILE A 333 10.61 13.79 13.31
N ALA A 334 11.64 13.05 12.89
CA ALA A 334 11.47 11.99 11.90
C ALA A 334 10.70 10.77 12.41
N ASN A 335 10.66 10.53 13.73
CA ASN A 335 10.01 9.34 14.26
C ASN A 335 9.85 9.44 15.79
N GLU A 336 8.99 8.56 16.30
CA GLU A 336 8.56 8.65 17.69
C GLU A 336 9.73 8.51 18.67
N ALA A 337 10.60 7.53 18.44
CA ALA A 337 11.79 7.38 19.28
C ALA A 337 12.61 8.67 19.33
N GLN A 338 12.94 9.24 18.17
CA GLN A 338 13.71 10.48 18.18
C GLN A 338 12.96 11.62 18.86
N PHE A 339 11.65 11.74 18.60
CA PHE A 339 10.83 12.77 19.24
C PHE A 339 11.03 12.75 20.74
N HIS A 340 10.93 11.56 21.35
CA HIS A 340 10.99 11.44 22.81
C HIS A 340 12.39 11.71 23.32
N ARG A 341 13.41 11.35 22.54
CA ARG A 341 14.78 11.62 22.95
C ARG A 341 15.01 13.13 23.03
N VAL A 342 14.68 13.86 21.95
CA VAL A 342 14.84 15.31 21.94
C VAL A 342 14.09 15.96 23.10
N GLN A 343 12.83 15.56 23.29
CA GLN A 343 12.03 16.05 24.40
C GLN A 343 12.73 15.86 25.74
N ALA A 344 13.42 14.73 25.91
CA ALA A 344 14.14 14.51 27.16
C ALA A 344 15.32 15.46 27.28
N MET A 345 16.00 15.74 26.17
CA MET A 345 17.13 16.65 26.20
C MET A 345 16.70 18.07 26.53
N ILE A 346 15.55 18.50 26.00
CA ILE A 346 15.02 19.83 26.33
C ILE A 346 14.74 19.91 27.83
N ASN A 347 14.00 18.93 28.36
CA ASN A 347 13.72 18.93 29.78
C ASN A 347 15.00 18.87 30.62
N ALA A 348 16.02 18.17 30.15
CA ALA A 348 17.27 18.13 30.89
C ALA A 348 17.90 19.52 30.97
N GLY A 349 17.85 20.27 29.86
CA GLY A 349 18.42 21.60 29.86
C GLY A 349 17.70 22.55 30.80
N ILE A 350 16.37 22.53 30.77
CA ILE A 350 15.58 23.26 31.77
C ILE A 350 16.06 22.90 33.17
N CYS A 351 16.20 21.60 33.45
CA CYS A 351 16.44 21.17 34.82
C CYS A 351 17.84 21.48 35.30
N GLU A 352 18.80 21.65 34.39
CA GLU A 352 20.16 21.98 34.76
C GLU A 352 20.39 23.48 34.76
N GLY A 353 19.34 24.28 34.60
CA GLY A 353 19.43 25.69 34.84
C GLY A 353 19.78 26.55 33.66
N ALA A 354 19.79 26.00 32.45
CA ALA A 354 20.01 26.85 31.29
C ALA A 354 18.89 27.87 31.18
N LYS A 355 19.15 28.94 30.44
CA LYS A 355 18.13 29.93 30.15
C LYS A 355 17.37 29.50 28.90
N LEU A 356 16.04 29.44 29.01
CA LEU A 356 15.17 29.08 27.90
C LEU A 356 14.82 30.36 27.16
N VAL A 357 15.60 30.68 26.14
CA VAL A 357 15.38 31.89 25.36
C VAL A 357 14.05 31.80 24.61
N CYS A 358 13.71 30.62 24.12
CA CYS A 358 12.51 30.40 23.33
C CYS A 358 12.39 28.89 23.10
N GLY A 359 11.27 28.47 22.52
CA GLY A 359 11.00 27.05 22.41
C GLY A 359 10.59 26.49 23.76
N GLY A 360 10.84 25.20 23.95
CA GLY A 360 10.44 24.52 25.15
C GLY A 360 9.93 23.12 24.83
N PRO A 361 9.43 22.40 25.83
CA PRO A 361 8.90 21.05 25.56
C PRO A 361 7.46 21.10 25.06
N GLY A 362 7.00 19.94 24.61
CA GLY A 362 5.64 19.82 24.13
C GLY A 362 5.54 19.84 22.62
N ARG A 363 4.53 19.14 22.10
CA ARG A 363 4.22 19.27 20.69
C ARG A 363 3.93 20.73 20.32
N VAL A 364 4.28 21.09 19.09
CA VAL A 364 3.97 22.41 18.56
C VAL A 364 2.47 22.61 18.51
N GLN A 365 2.00 23.73 19.05
CA GLN A 365 0.57 23.98 19.16
C GLN A 365 -0.08 24.00 17.77
N GLY A 366 -1.22 23.33 17.63
CA GLY A 366 -1.88 23.25 16.35
C GLY A 366 -1.44 22.11 15.46
N HIS A 367 -0.37 21.40 15.85
CA HIS A 367 0.03 20.12 15.26
C HIS A 367 0.21 19.13 16.41
N GLU A 368 -0.90 18.81 17.09
CA GLU A 368 -0.83 17.85 18.18
C GLU A 368 -0.64 16.42 17.67
N GLN A 369 -1.19 16.10 16.50
CA GLN A 369 -0.87 14.86 15.82
C GLN A 369 0.41 15.03 14.99
N GLY A 370 1.37 14.14 15.18
CA GLY A 370 2.66 14.26 14.51
C GLY A 370 3.76 14.72 15.47
N PHE A 371 4.99 14.26 15.20
CA PHE A 371 6.10 14.47 16.12
C PHE A 371 6.70 15.86 16.01
N TYR A 372 5.83 16.86 15.95
CA TYR A 372 6.25 18.23 15.74
C TYR A 372 6.89 18.77 17.01
N THR A 373 8.12 19.27 16.90
CA THR A 373 8.90 19.70 18.05
C THR A 373 9.21 21.19 17.93
N ARG A 374 9.16 21.90 19.03
CA ARG A 374 9.34 23.35 18.95
C ARG A 374 10.82 23.69 18.77
N PRO A 375 11.16 24.60 17.85
CA PRO A 375 12.55 25.07 17.74
C PRO A 375 12.99 25.76 19.02
N THR A 376 14.07 25.24 19.63
CA THR A 376 14.42 25.63 20.98
C THR A 376 15.83 26.21 21.05
N VAL A 377 15.95 27.31 21.81
CA VAL A 377 17.20 28.01 22.02
C VAL A 377 17.44 28.16 23.52
N PHE A 378 18.61 27.69 23.98
CA PHE A 378 19.10 27.89 25.32
C PHE A 378 20.26 28.89 25.30
N SER A 379 20.36 29.70 26.35
CA SER A 379 21.47 30.63 26.48
C SER A 379 22.04 30.53 27.88
N GLU A 380 23.12 31.29 28.10
CA GLU A 380 23.86 31.27 29.40
C GLU A 380 24.21 29.82 29.68
N VAL A 381 24.62 29.12 28.64
CA VAL A 381 24.91 27.67 28.69
C VAL A 381 26.36 27.45 29.09
N ASP A 382 26.53 26.56 30.05
CA ASP A 382 27.88 26.18 30.51
C ASP A 382 28.32 24.97 29.71
N SER A 383 29.60 24.86 29.40
CA SER A 383 30.17 23.74 28.61
C SER A 383 29.97 22.39 29.30
N SER A 384 29.91 22.35 30.62
CA SER A 384 29.63 21.14 31.42
C SER A 384 28.17 20.72 31.33
N MET A 385 27.27 21.52 30.77
CA MET A 385 25.90 21.06 30.80
C MET A 385 25.69 19.88 29.84
N ARG A 386 24.70 19.04 30.19
CA ARG A 386 24.34 17.91 29.31
C ARG A 386 23.99 18.40 27.91
N ILE A 387 23.14 19.43 27.81
CA ILE A 387 22.76 19.91 26.49
C ILE A 387 23.94 20.47 25.69
N ALA A 388 25.07 20.79 26.35
CA ALA A 388 26.24 21.27 25.63
C ALA A 388 27.17 20.14 25.20
N ARG A 389 27.21 19.04 25.96
CA ARG A 389 28.11 17.95 25.66
C ARG A 389 27.53 16.91 24.73
N GLU A 390 26.21 16.72 24.75
CA GLU A 390 25.56 15.60 24.09
C GLU A 390 24.83 16.04 22.83
N GLU A 391 24.99 15.26 21.77
CA GLU A 391 24.25 15.52 20.55
C GLU A 391 22.76 15.29 20.82
N ILE A 392 21.93 16.22 20.36
CA ILE A 392 20.50 16.16 20.63
C ILE A 392 19.72 15.67 19.42
N PHE A 393 20.17 16.01 18.23
CA PHE A 393 19.55 15.57 16.98
C PHE A 393 18.10 16.04 16.89
N GLY A 394 17.88 17.29 17.29
CA GLY A 394 16.62 17.96 17.14
C GLY A 394 16.91 19.45 17.13
N PRO A 395 15.87 20.29 17.05
CA PRO A 395 16.13 21.73 16.86
C PRO A 395 16.37 22.47 18.18
N VAL A 396 17.58 22.29 18.71
CA VAL A 396 17.95 22.78 20.02
C VAL A 396 19.31 23.44 19.87
N LEU A 397 19.37 24.75 20.05
CA LEU A 397 20.60 25.50 19.86
C LEU A 397 21.06 26.05 21.21
N CYS A 398 22.35 25.86 21.51
CA CYS A 398 22.96 26.38 22.71
C CYS A 398 23.76 27.64 22.40
N LEU A 399 23.61 28.64 23.25
CA LEU A 399 24.38 29.88 23.21
C LEU A 399 25.40 29.86 24.34
N ILE A 400 26.67 30.06 23.99
CA ILE A 400 27.77 30.02 24.96
C ILE A 400 28.61 31.30 24.82
N ALA A 401 28.97 31.90 25.95
CA ALA A 401 29.70 33.15 25.96
C ALA A 401 31.18 32.90 26.15
N TYR A 402 32.00 33.83 25.63
CA TYR A 402 33.43 33.79 25.79
C TYR A 402 33.98 35.19 26.04
N ASP A 403 35.14 35.27 26.70
CA ASP A 403 35.79 36.54 27.02
C ASP A 403 37.06 36.81 26.23
N THR A 404 37.63 35.80 25.56
CA THR A 404 38.72 36.02 24.63
C THR A 404 38.57 35.03 23.47
N ILE A 405 39.18 35.39 22.33
CA ILE A 405 39.21 34.50 21.17
C ILE A 405 39.92 33.19 21.51
N ASP A 406 40.99 33.25 22.31
CA ASP A 406 41.64 32.01 22.76
C ASP A 406 40.64 31.13 23.50
N GLU A 407 39.79 31.75 24.34
CA GLU A 407 38.79 31.03 25.11
C GLU A 407 37.74 30.41 24.20
N ALA A 408 37.32 31.16 23.18
CA ALA A 408 36.30 30.66 22.25
C ALA A 408 36.76 29.39 21.57
N VAL A 409 38.04 29.33 21.19
CA VAL A 409 38.58 28.13 20.56
C VAL A 409 38.57 26.96 21.55
N ALA A 410 38.95 27.22 22.80
CA ALA A 410 38.96 26.16 23.81
C ALA A 410 37.57 25.57 24.01
N ILE A 411 36.55 26.42 24.04
CA ILE A 411 35.17 25.95 24.14
C ILE A 411 34.80 25.15 22.90
N ALA A 412 35.16 25.65 21.72
CA ALA A 412 34.82 24.93 20.49
C ALA A 412 35.40 23.52 20.51
N ASN A 413 36.65 23.38 20.96
CA ASN A 413 37.31 22.08 21.03
C ASN A 413 36.92 21.28 22.28
N ASP A 414 36.16 21.86 23.21
CA ASP A 414 35.81 21.21 24.46
C ASP A 414 34.70 20.19 24.24
N THR A 415 35.07 19.12 23.54
CA THR A 415 34.08 18.16 23.09
C THR A 415 34.77 16.90 22.63
N VAL A 416 34.11 15.78 22.92
CA VAL A 416 34.54 14.47 22.49
C VAL A 416 34.41 14.30 20.97
N TYR A 417 33.67 15.18 20.30
CA TYR A 417 33.38 15.11 18.87
C TYR A 417 34.30 16.06 18.06
N GLY A 418 34.17 15.99 16.73
CA GLY A 418 34.90 16.84 15.79
C GLY A 418 34.49 16.62 14.33
N LEU A 419 33.19 16.68 14.05
CA LEU A 419 32.69 16.40 12.72
C LEU A 419 32.73 17.64 11.83
N GLY A 420 32.25 18.77 12.35
CA GLY A 420 32.26 20.02 11.65
C GLY A 420 32.36 21.20 12.61
N ALA A 421 32.25 22.41 12.05
CA ALA A 421 32.48 23.64 12.79
C ALA A 421 32.24 24.83 11.86
N HIS A 422 31.93 25.98 12.47
CA HIS A 422 31.63 27.21 11.75
C HIS A 422 32.36 28.41 12.36
N VAL A 423 32.81 29.32 11.50
CA VAL A 423 33.44 30.56 11.97
C VAL A 423 32.79 31.73 11.23
N GLN A 424 32.39 32.75 12.01
CA GLN A 424 31.87 34.01 11.50
C GLN A 424 32.88 35.11 11.85
N GLY A 425 33.28 35.87 10.86
CA GLY A 425 34.27 36.90 11.09
C GLY A 425 34.39 37.81 9.89
N GLN A 426 34.70 39.10 10.13
CA GLN A 426 34.92 40.03 9.03
C GLN A 426 36.35 39.92 8.52
N ASP A 427 37.34 39.93 9.41
CA ASP A 427 38.73 39.75 8.98
C ASP A 427 38.93 38.29 8.56
N LEU A 428 39.15 38.07 7.26
CA LEU A 428 39.27 36.71 6.73
C LEU A 428 40.56 36.03 7.19
N GLU A 429 41.65 36.78 7.28
CA GLU A 429 42.89 36.21 7.81
C GLU A 429 42.66 35.65 9.21
N LEU A 430 42.11 36.45 10.12
CA LEU A 430 41.86 35.97 11.46
C LEU A 430 40.95 34.75 11.45
N ALA A 431 39.87 34.80 10.66
CA ALA A 431 38.92 33.69 10.62
C ALA A 431 39.57 32.39 10.14
N ARG A 432 40.49 32.48 9.16
CA ARG A 432 41.23 31.29 8.73
C ARG A 432 42.08 30.73 9.86
N SER A 433 42.88 31.58 10.53
CA SER A 433 43.74 31.08 11.58
C SER A 433 42.92 30.40 12.68
N VAL A 434 41.72 30.90 13.00
CA VAL A 434 40.87 30.23 13.97
C VAL A 434 40.41 28.87 13.44
N ALA A 435 39.96 28.84 12.17
CA ALA A 435 39.51 27.58 11.58
C ALA A 435 40.56 26.51 11.68
N SER A 436 41.82 26.85 11.41
CA SER A 436 42.88 25.86 11.50
C SER A 436 43.13 25.41 12.93
N ARG A 437 42.50 26.05 13.91
CA ARG A 437 42.63 25.67 15.31
C ARG A 437 41.47 24.82 15.81
N ILE A 438 40.37 24.76 15.06
CA ILE A 438 39.28 23.84 15.40
C ILE A 438 39.63 22.43 14.93
N ARG A 439 39.60 21.48 15.88
CA ARG A 439 39.87 20.07 15.59
C ARG A 439 38.59 19.40 15.10
N ALA A 440 38.35 19.56 13.79
CA ALA A 440 37.13 19.14 13.14
C ALA A 440 37.42 18.91 11.66
N GLY A 441 36.71 17.95 11.07
CA GLY A 441 37.02 17.58 9.70
C GLY A 441 36.66 18.65 8.70
N GLN A 442 35.65 19.46 9.01
CA GLN A 442 35.34 20.61 8.18
C GLN A 442 35.13 21.84 9.05
N VAL A 443 35.64 22.98 8.58
CA VAL A 443 35.34 24.29 9.14
C VAL A 443 34.83 25.17 8.01
N HIS A 444 33.70 25.84 8.25
CA HIS A 444 32.99 26.64 7.27
C HIS A 444 33.03 28.11 7.65
N LEU A 445 33.50 28.95 6.71
CA LEU A 445 33.72 30.36 6.97
C LEU A 445 32.60 31.20 6.37
N ASN A 446 31.94 31.99 7.20
CA ASN A 446 30.91 32.92 6.75
C ASN A 446 29.91 32.24 5.80
N TYR A 447 29.48 31.05 6.19
CA TYR A 447 28.38 30.31 5.57
C TYR A 447 28.61 30.07 4.08
N PRO A 448 29.71 29.43 3.73
CA PRO A 448 29.92 29.02 2.33
C PRO A 448 28.84 28.04 1.89
N SER A 449 28.73 27.87 0.59
CA SER A 449 27.80 26.90 0.05
C SER A 449 28.46 25.53 0.01
N TRP A 450 27.60 24.51 0.00
CA TRP A 450 28.05 23.14 0.12
C TRP A 450 29.01 22.76 -1.00
N ASN A 451 30.01 21.95 -0.68
CA ASN A 451 31.07 21.60 -1.62
C ASN A 451 31.15 20.08 -1.77
N PRO A 452 30.66 19.50 -2.87
CA PRO A 452 30.64 18.03 -2.97
C PRO A 452 32.02 17.40 -3.13
N MET A 453 33.09 18.17 -3.30
CA MET A 453 34.42 17.60 -3.40
C MET A 453 35.19 17.63 -2.09
N ALA A 454 34.71 18.37 -1.10
CA ALA A 454 35.44 18.51 0.16
C ALA A 454 35.33 17.22 0.96
N PRO A 455 36.44 16.73 1.52
CA PRO A 455 36.36 15.55 2.39
C PRO A 455 35.49 15.86 3.60
N PHE A 456 34.66 14.89 3.97
CA PHE A 456 33.71 15.02 5.06
C PHE A 456 33.93 13.86 6.03
N GLY A 457 34.17 14.17 7.29
CA GLY A 457 34.40 13.15 8.30
C GLY A 457 34.82 13.78 9.61
N GLY A 458 34.98 12.92 10.61
CA GLY A 458 35.24 13.38 11.96
C GLY A 458 36.69 13.21 12.40
N TYR A 459 37.18 14.21 13.15
CA TYR A 459 38.25 14.01 14.13
C TYR A 459 37.69 13.31 15.38
N LYS A 460 38.61 12.82 16.21
CA LYS A 460 38.23 12.31 17.52
C LYS A 460 37.07 11.32 17.39
N ARG A 461 35.99 11.54 18.12
CA ARG A 461 34.92 10.54 18.20
C ARG A 461 33.79 10.76 17.21
N SER A 462 33.98 11.60 16.18
CA SER A 462 32.99 11.75 15.13
C SER A 462 33.17 10.75 13.98
N GLY A 463 34.24 9.95 13.99
CA GLY A 463 34.32 8.80 13.11
C GLY A 463 35.76 8.45 12.76
N ASN A 464 35.86 7.73 11.64
CA ASN A 464 37.12 7.27 11.06
C ASN A 464 36.90 7.18 9.55
N GLY A 465 37.79 7.78 8.78
CA GLY A 465 37.66 7.86 7.33
C GLY A 465 37.00 9.15 6.86
N ARG A 466 36.95 9.30 5.54
CA ARG A 466 36.36 10.46 4.86
C ARG A 466 35.43 10.01 3.73
N GLU A 467 34.37 10.78 3.54
CA GLU A 467 33.45 10.60 2.42
C GLU A 467 33.46 11.85 1.55
N TYR A 468 32.77 11.74 0.41
CA TYR A 468 32.66 12.78 -0.62
C TYR A 468 33.92 12.83 -1.49
N GLY A 469 33.76 13.16 -2.77
CA GLY A 469 34.90 13.37 -3.65
C GLY A 469 35.96 12.29 -3.70
N VAL A 470 37.17 12.68 -4.16
CA VAL A 470 38.24 11.71 -4.34
C VAL A 470 38.57 11.00 -3.02
N HIS A 471 38.59 11.73 -1.90
CA HIS A 471 38.89 11.12 -0.61
C HIS A 471 37.95 9.96 -0.31
N GLY A 472 36.64 10.21 -0.41
CA GLY A 472 35.67 9.16 -0.19
C GLY A 472 35.84 7.99 -1.13
N PHE A 473 36.24 8.28 -2.37
CA PHE A 473 36.48 7.24 -3.36
C PHE A 473 37.65 6.33 -2.94
N GLU A 474 38.68 6.92 -2.34
CA GLU A 474 39.85 6.13 -1.97
C GLU A 474 39.61 5.23 -0.74
N GLU A 475 38.56 5.50 0.05
CA GLU A 475 38.19 4.60 1.12
C GLU A 475 37.80 3.21 0.62
N TYR A 476 37.48 3.07 -0.67
CA TYR A 476 37.11 1.78 -1.21
C TYR A 476 38.20 1.13 -2.04
N LEU A 477 39.42 1.69 -2.02
CA LEU A 477 40.55 1.10 -2.72
C LEU A 477 41.59 0.57 -1.75
N GLU A 478 42.10 -0.63 -2.02
CA GLU A 478 43.34 -1.08 -1.42
C GLU A 478 44.52 -0.39 -2.10
N THR A 479 45.71 -0.66 -1.57
CA THR A 479 46.93 -0.07 -2.09
C THR A 479 47.96 -1.17 -2.26
N LYS A 480 48.51 -1.29 -3.47
CA LYS A 480 49.44 -2.35 -3.79
C LYS A 480 50.73 -1.76 -4.32
N ALA A 481 51.86 -2.29 -3.85
CA ALA A 481 53.17 -1.91 -4.37
C ALA A 481 53.74 -3.11 -5.12
N ILE A 482 54.05 -2.91 -6.39
CA ILE A 482 54.73 -3.93 -7.17
C ILE A 482 56.17 -3.50 -7.30
N VAL A 483 57.01 -3.94 -6.35
CA VAL A 483 58.44 -3.64 -6.37
C VAL A 483 59.13 -4.55 -7.38
N GLY A 484 60.14 -4.02 -8.08
CA GLY A 484 60.69 -4.74 -9.21
C GLY A 484 59.83 -4.70 -10.45
N PHE A 485 58.87 -3.78 -10.51
CA PHE A 485 58.03 -3.61 -11.70
C PHE A 485 58.87 -3.35 -12.94
N ALA A 486 59.90 -2.50 -12.82
CA ALA A 486 60.95 -2.36 -13.83
C ALA A 486 62.27 -2.82 -13.24
N PRO A 487 62.94 -3.82 -13.82
CA PRO A 487 64.23 -4.27 -13.29
C PRO A 487 65.21 -3.11 -13.12
N ALA A 488 66.13 -3.26 -12.17
CA ALA A 488 67.07 -2.20 -11.80
C ALA A 488 68.34 -2.29 -12.63
N ASP A 489 69.23 -1.30 -12.43
CA ASP A 489 70.43 -1.18 -13.25
C ASP A 489 71.49 -2.21 -12.85
N LEU A 490 72.47 -2.38 -13.75
CA LEU A 490 73.63 -3.27 -13.55
C LEU A 490 73.31 -4.65 -14.13
N LEU B 6 -4.73 6.78 -12.41
CA LEU B 6 -5.80 7.68 -12.00
C LEU B 6 -6.71 7.08 -10.92
N ASN B 7 -6.80 5.76 -10.82
CA ASN B 7 -7.57 5.12 -9.75
C ASN B 7 -7.03 5.59 -8.40
N SER B 8 -7.93 6.08 -7.55
CA SER B 8 -7.56 6.83 -6.36
C SER B 8 -7.61 6.02 -5.07
N HIS B 9 -8.04 4.78 -5.11
CA HIS B 9 -8.21 4.07 -3.85
C HIS B 9 -6.87 3.62 -3.28
N ARG B 10 -6.69 3.87 -1.99
CA ARG B 10 -5.55 3.35 -1.26
C ARG B 10 -6.05 2.47 -0.14
N VAL B 11 -5.54 1.24 -0.09
CA VAL B 11 -5.86 0.33 1.00
C VAL B 11 -5.23 0.86 2.27
N ASP B 12 -5.96 0.78 3.37
CA ASP B 12 -5.38 1.14 4.66
C ASP B 12 -4.32 0.12 5.04
N PRO B 13 -3.05 0.51 5.16
CA PRO B 13 -2.01 -0.49 5.45
C PRO B 13 -2.20 -1.14 6.81
N HIS B 14 -2.86 -0.47 7.72
CA HIS B 14 -2.96 -0.98 9.08
C HIS B 14 -4.06 -2.02 9.27
N THR B 15 -5.02 -2.10 8.35
CA THR B 15 -6.10 -3.07 8.46
C THR B 15 -6.15 -4.02 7.28
N ALA B 16 -5.29 -3.83 6.28
CA ALA B 16 -5.32 -4.66 5.08
C ALA B 16 -5.25 -6.15 5.42
N GLN B 17 -4.35 -6.53 6.31
CA GLN B 17 -4.16 -7.92 6.71
C GLN B 17 -4.64 -8.15 8.12
N LYS B 18 -5.71 -7.48 8.49
CA LYS B 18 -6.38 -7.72 9.75
C LYS B 18 -7.77 -8.27 9.46
N PHE B 19 -8.39 -8.82 10.51
CA PHE B 19 -9.79 -9.21 10.46
C PHE B 19 -10.58 -8.28 11.36
N TYR B 20 -11.86 -8.06 11.00
CA TYR B 20 -12.77 -7.28 11.83
C TYR B 20 -13.62 -8.22 12.67
N ILE B 21 -13.24 -8.34 13.94
CA ILE B 21 -13.81 -9.28 14.90
C ILE B 21 -14.20 -8.50 16.16
N ASP B 22 -15.49 -8.49 16.50
CA ASP B 22 -15.93 -7.99 17.80
C ASP B 22 -15.68 -6.48 17.95
N GLY B 23 -15.80 -5.72 16.87
CA GLY B 23 -15.66 -4.29 16.94
C GLY B 23 -14.27 -3.73 16.71
N HIS B 24 -13.29 -4.57 16.39
CA HIS B 24 -11.91 -4.11 16.31
C HIS B 24 -11.24 -4.88 15.19
N TRP B 25 -10.16 -4.30 14.66
CA TRP B 25 -9.26 -4.97 13.75
C TRP B 25 -8.21 -5.73 14.55
N SER B 26 -8.15 -7.04 14.35
CA SER B 26 -7.19 -7.86 15.08
C SER B 26 -6.34 -8.67 14.12
N ALA B 27 -5.10 -8.90 14.55
CA ALA B 27 -4.17 -9.70 13.77
C ALA B 27 -4.79 -11.07 13.49
N PRO B 28 -4.51 -11.66 12.33
CA PRO B 28 -4.88 -13.07 12.12
C PRO B 28 -3.93 -14.01 12.86
N LEU B 29 -4.43 -15.22 13.08
CA LEU B 29 -3.65 -16.26 13.71
C LEU B 29 -2.69 -16.93 12.73
N SER B 30 -2.93 -16.79 11.44
CA SER B 30 -2.14 -17.24 10.29
C SER B 30 -1.29 -16.09 9.75
N PRO B 31 -0.06 -16.36 9.34
CA PRO B 31 0.75 -15.35 8.68
C PRO B 31 0.54 -15.30 7.18
N VAL B 32 -0.36 -16.16 6.67
CA VAL B 32 -0.58 -16.30 5.23
C VAL B 32 -1.24 -15.07 4.68
N SER B 33 -0.75 -14.63 3.51
CA SER B 33 -1.28 -13.48 2.82
C SER B 33 -1.91 -13.87 1.50
N ILE B 34 -2.87 -13.08 1.06
CA ILE B 34 -3.47 -13.20 -0.25
C ILE B 34 -3.17 -11.91 -1.00
N ALA B 35 -2.61 -12.06 -2.20
CA ALA B 35 -2.30 -10.93 -3.08
C ALA B 35 -3.49 -10.61 -3.97
N VAL B 36 -3.84 -9.33 -4.04
CA VAL B 36 -4.98 -8.84 -4.81
C VAL B 36 -4.46 -8.22 -6.10
N VAL B 37 -4.95 -8.70 -7.26
CA VAL B 37 -4.46 -8.27 -8.57
C VAL B 37 -5.47 -7.34 -9.23
N ASN B 38 -4.98 -6.23 -9.77
CA ASN B 38 -5.83 -5.34 -10.59
C ASN B 38 -6.04 -5.99 -11.96
N PRO B 39 -7.28 -6.32 -12.33
CA PRO B 39 -7.45 -7.05 -13.59
C PRO B 39 -7.10 -6.20 -14.79
N ALA B 40 -7.21 -4.87 -14.69
CA ALA B 40 -6.86 -4.02 -15.83
C ALA B 40 -5.37 -4.00 -16.08
N THR B 41 -4.56 -4.21 -15.06
CA THR B 41 -3.12 -4.11 -15.18
C THR B 41 -2.37 -5.40 -14.94
N GLU B 42 -2.98 -6.40 -14.29
CA GLU B 42 -2.30 -7.64 -13.93
C GLU B 42 -1.23 -7.43 -12.86
N GLU B 43 -1.25 -6.30 -12.14
CA GLU B 43 -0.29 -6.04 -11.08
C GLU B 43 -0.92 -6.27 -9.69
N VAL B 44 -0.11 -6.80 -8.77
CA VAL B 44 -0.50 -6.91 -7.37
C VAL B 44 -0.56 -5.51 -6.79
N VAL B 45 -1.72 -5.14 -6.25
CA VAL B 45 -1.93 -3.81 -5.69
C VAL B 45 -2.17 -3.84 -4.19
N ALA B 46 -2.14 -5.00 -3.56
CA ALA B 46 -2.43 -5.08 -2.14
C ALA B 46 -2.42 -6.54 -1.71
N HIS B 47 -2.24 -6.74 -0.42
CA HIS B 47 -2.35 -8.05 0.19
C HIS B 47 -3.39 -7.98 1.30
N VAL B 48 -4.04 -9.10 1.56
CA VAL B 48 -4.92 -9.24 2.71
C VAL B 48 -4.61 -10.57 3.38
N ALA B 49 -5.10 -10.73 4.61
CA ALA B 49 -4.77 -11.91 5.40
C ALA B 49 -5.65 -13.09 5.01
N SER B 50 -5.12 -14.29 5.22
CA SER B 50 -5.85 -15.52 4.91
C SER B 50 -6.19 -16.24 6.22
N GLY B 51 -7.49 -16.27 6.53
CA GLY B 51 -7.92 -16.81 7.82
C GLY B 51 -7.82 -18.32 7.90
N SER B 52 -7.74 -18.80 9.14
CA SER B 52 -7.76 -20.21 9.48
C SER B 52 -9.08 -20.55 10.17
N ALA B 53 -9.33 -21.85 10.34
CA ALA B 53 -10.51 -22.23 11.09
C ALA B 53 -10.52 -21.59 12.47
N ALA B 54 -9.33 -21.30 13.03
CA ALA B 54 -9.24 -20.69 14.35
C ALA B 54 -9.71 -19.24 14.33
N ASP B 55 -9.44 -18.52 13.24
CA ASP B 55 -9.99 -17.18 13.10
C ASP B 55 -11.52 -17.20 12.95
N VAL B 56 -12.06 -18.19 12.24
CA VAL B 56 -13.51 -18.30 12.14
C VAL B 56 -14.12 -18.57 13.51
N ASP B 57 -13.40 -19.31 14.37
CA ASP B 57 -13.83 -19.51 15.75
C ASP B 57 -13.92 -18.19 16.52
N ARG B 58 -12.90 -17.34 16.40
CA ARG B 58 -12.97 -16.05 17.08
C ARG B 58 -14.15 -15.24 16.57
N ALA B 59 -14.36 -15.25 15.25
CA ALA B 59 -15.45 -14.45 14.70
C ALA B 59 -16.81 -14.97 15.16
N VAL B 60 -17.04 -16.27 15.03
CA VAL B 60 -18.29 -16.88 15.52
C VAL B 60 -18.49 -16.60 17.01
N ALA B 61 -17.42 -16.73 17.80
CA ALA B 61 -17.57 -16.44 19.23
C ALA B 61 -18.03 -15.01 19.47
N ALA B 62 -17.52 -14.06 18.69
CA ALA B 62 -17.98 -12.67 18.82
C ALA B 62 -19.46 -12.57 18.47
N ALA B 63 -19.83 -13.16 17.33
CA ALA B 63 -21.22 -13.18 16.88
C ALA B 63 -22.13 -13.76 17.96
N ARG B 64 -21.80 -14.95 18.43
CA ARG B 64 -22.62 -15.56 19.49
C ARG B 64 -22.76 -14.60 20.67
N ALA B 65 -21.64 -14.09 21.20
CA ALA B 65 -21.72 -13.23 22.37
C ALA B 65 -22.52 -11.96 22.11
N ALA B 66 -22.54 -11.47 20.87
CA ALA B 66 -23.24 -10.23 20.58
C ALA B 66 -24.72 -10.42 20.30
N PHE B 67 -25.17 -11.67 20.11
CA PHE B 67 -26.52 -11.95 19.63
C PHE B 67 -27.61 -11.55 20.63
N ALA B 68 -27.43 -11.84 21.93
CA ALA B 68 -28.48 -11.53 22.89
C ALA B 68 -28.78 -10.03 22.92
N GLY B 69 -27.73 -9.21 23.00
CA GLY B 69 -27.94 -7.77 23.08
C GLY B 69 -28.52 -7.17 21.81
N TRP B 70 -28.06 -7.64 20.65
CA TRP B 70 -28.53 -7.09 19.38
C TRP B 70 -29.96 -7.53 19.06
N SER B 71 -30.26 -8.82 19.25
CA SER B 71 -31.63 -9.31 19.08
C SER B 71 -32.58 -8.69 20.10
N GLY B 72 -32.09 -8.41 21.31
CA GLY B 72 -32.90 -7.71 22.29
C GLY B 72 -33.10 -6.25 22.00
N THR B 73 -32.43 -5.71 20.98
CA THR B 73 -32.57 -4.30 20.64
C THR B 73 -33.83 -4.09 19.81
N SER B 74 -34.56 -3.02 20.11
CA SER B 74 -35.87 -2.84 19.52
C SER B 74 -35.75 -2.63 18.02
N PRO B 75 -36.70 -3.14 17.25
CA PRO B 75 -36.64 -2.92 15.79
C PRO B 75 -36.42 -1.48 15.38
N GLU B 76 -37.07 -0.50 16.03
CA GLU B 76 -36.85 0.90 15.67
C GLU B 76 -35.38 1.28 15.81
N VAL B 77 -34.75 0.79 16.87
CA VAL B 77 -33.37 1.14 17.14
C VAL B 77 -32.45 0.47 16.12
N ARG B 78 -32.67 -0.80 15.84
CA ARG B 78 -31.90 -1.45 14.78
C ARG B 78 -32.07 -0.72 13.46
N ALA B 79 -33.30 -0.26 13.16
CA ALA B 79 -33.53 0.53 11.96
C ALA B 79 -32.69 1.79 11.93
N GLN B 80 -32.41 2.39 13.10
CA GLN B 80 -31.59 3.59 13.13
C GLN B 80 -30.15 3.30 12.73
N VAL B 81 -29.56 2.21 13.25
CA VAL B 81 -28.18 1.89 12.92
C VAL B 81 -28.07 1.59 11.43
N ILE B 82 -29.06 0.88 10.89
CA ILE B 82 -29.06 0.55 9.48
C ILE B 82 -29.27 1.81 8.65
N GLY B 83 -30.18 2.67 9.08
CA GLY B 83 -30.31 3.94 8.41
C GLY B 83 -28.98 4.65 8.27
N ARG B 84 -28.22 4.71 9.37
CA ARG B 84 -26.93 5.39 9.38
C ARG B 84 -25.93 4.72 8.46
N ILE B 85 -25.83 3.38 8.51
CA ILE B 85 -25.04 2.66 7.52
C ILE B 85 -25.37 3.13 6.10
N HIS B 86 -26.67 3.23 5.78
CA HIS B 86 -27.05 3.69 4.45
C HIS B 86 -26.48 5.07 4.16
N GLU B 87 -26.61 6.00 5.11
CA GLU B 87 -26.00 7.32 4.93
C GLU B 87 -24.52 7.20 4.63
N LEU B 88 -23.81 6.35 5.39
CA LEU B 88 -22.36 6.28 5.25
C LEU B 88 -21.97 5.70 3.90
N ILE B 89 -22.75 4.74 3.41
CA ILE B 89 -22.54 4.23 2.06
C ILE B 89 -22.66 5.37 1.06
N ILE B 90 -23.66 6.24 1.24
CA ILE B 90 -23.92 7.30 0.25
C ILE B 90 -22.85 8.38 0.33
N GLU B 91 -22.40 8.71 1.54
CA GLU B 91 -21.32 9.68 1.72
C GLU B 91 -20.02 9.18 1.10
N ARG B 92 -19.78 7.87 1.18
CA ARG B 92 -18.49 7.29 0.81
C ARG B 92 -18.54 6.57 -0.53
N LYS B 93 -19.53 6.90 -1.38
CA LYS B 93 -19.77 6.13 -2.58
C LYS B 93 -18.60 6.23 -3.56
N GLU B 94 -17.95 7.39 -3.65
CA GLU B 94 -16.80 7.50 -4.56
C GLU B 94 -15.65 6.60 -4.11
N GLU B 95 -15.36 6.57 -2.79
CA GLU B 95 -14.35 5.65 -2.27
C GLU B 95 -14.68 4.21 -2.61
N LEU B 96 -15.95 3.83 -2.45
CA LEU B 96 -16.34 2.45 -2.65
C LEU B 96 -16.32 2.08 -4.13
N ALA B 97 -16.73 3.00 -5.00
CA ALA B 97 -16.68 2.69 -6.43
C ALA B 97 -15.24 2.54 -6.90
N GLN B 98 -14.33 3.35 -6.39
CA GLN B 98 -12.93 3.20 -6.81
C GLN B 98 -12.33 1.89 -6.31
N ALA B 99 -12.69 1.44 -5.11
CA ALA B 99 -12.19 0.17 -4.59
C ALA B 99 -12.74 -1.02 -5.40
N ILE B 100 -14.04 -0.99 -5.72
CA ILE B 100 -14.62 -2.03 -6.57
C ILE B 100 -13.92 -2.09 -7.93
N SER B 101 -13.86 -0.94 -8.62
CA SER B 101 -13.21 -0.86 -9.91
C SER B 101 -11.77 -1.38 -9.87
N LEU B 102 -11.04 -1.07 -8.78
CA LEU B 102 -9.66 -1.49 -8.68
C LEU B 102 -9.52 -3.00 -8.56
N GLU B 103 -10.39 -3.63 -7.75
CA GLU B 103 -10.19 -5.04 -7.39
C GLU B 103 -10.72 -6.00 -8.45
N MET B 104 -11.85 -5.66 -9.10
CA MET B 104 -12.45 -6.58 -10.05
C MET B 104 -12.72 -5.96 -11.42
N GLY B 105 -12.19 -4.75 -11.69
CA GLY B 105 -12.12 -4.23 -13.03
C GLY B 105 -13.35 -3.55 -13.57
N ALA B 106 -14.40 -3.37 -12.76
CA ALA B 106 -15.60 -2.71 -13.24
C ALA B 106 -15.29 -1.30 -13.73
N ALA B 107 -15.85 -0.93 -14.88
CA ALA B 107 -15.69 0.42 -15.41
C ALA B 107 -16.15 1.46 -14.39
N ILE B 108 -15.30 2.47 -14.17
CA ILE B 108 -15.57 3.41 -13.09
C ILE B 108 -16.97 3.97 -13.21
N SER B 109 -17.42 4.27 -14.44
CA SER B 109 -18.79 4.74 -14.65
C SER B 109 -19.79 3.73 -14.13
N SER B 110 -19.57 2.46 -14.47
CA SER B 110 -20.40 1.36 -13.97
C SER B 110 -20.37 1.26 -12.45
N ALA B 111 -19.21 1.47 -11.84
CA ALA B 111 -19.11 1.33 -10.38
C ALA B 111 -19.89 2.42 -9.67
N ARG B 112 -19.93 3.62 -10.24
CA ARG B 112 -20.61 4.75 -9.62
C ARG B 112 -22.12 4.67 -9.82
N ALA B 113 -22.57 4.20 -10.98
CA ALA B 113 -23.98 4.31 -11.32
C ALA B 113 -24.79 3.12 -10.84
N MET B 114 -24.16 1.96 -10.62
CA MET B 114 -24.90 0.75 -10.31
C MET B 114 -24.25 -0.05 -9.19
N GLN B 115 -22.97 -0.37 -9.37
CA GLN B 115 -22.18 -1.10 -8.39
C GLN B 115 -22.43 -0.57 -6.98
N VAL B 116 -22.47 0.74 -6.78
CA VAL B 116 -22.70 1.24 -5.43
C VAL B 116 -24.17 1.55 -5.15
N PRO B 117 -24.86 2.34 -5.99
CA PRO B 117 -26.23 2.72 -5.61
C PRO B 117 -27.18 1.56 -5.42
N LEU B 118 -27.02 0.47 -6.18
CA LEU B 118 -27.90 -0.67 -5.97
C LEU B 118 -27.57 -1.39 -4.67
N ALA B 119 -26.30 -1.39 -4.26
CA ALA B 119 -25.95 -1.90 -2.94
C ALA B 119 -26.61 -1.06 -1.83
N ALA B 120 -26.44 0.27 -1.88
CA ALA B 120 -27.17 1.17 -0.97
C ALA B 120 -28.65 0.82 -0.88
N GLU B 121 -29.25 0.42 -2.01
CA GLU B 121 -30.69 0.21 -2.08
C GLU B 121 -31.15 -0.93 -1.18
N HIS B 122 -30.39 -2.04 -1.14
CA HIS B 122 -30.72 -3.14 -0.23
C HIS B 122 -30.76 -2.66 1.21
N VAL B 123 -29.86 -1.75 1.56
CA VAL B 123 -29.76 -1.26 2.92
C VAL B 123 -30.94 -0.35 3.26
N ARG B 124 -31.37 0.47 2.29
CA ARG B 124 -32.55 1.31 2.48
C ARG B 124 -33.78 0.45 2.71
N VAL B 125 -34.01 -0.51 1.82
CA VAL B 125 -35.17 -1.42 1.88
C VAL B 125 -35.24 -2.09 3.25
N ALA B 126 -34.12 -2.57 3.77
CA ALA B 126 -34.10 -3.23 5.09
C ALA B 126 -34.48 -2.23 6.18
N ARG B 127 -34.04 -0.99 6.09
CA ARG B 127 -34.41 0.00 7.11
C ARG B 127 -35.92 0.31 7.09
N ASP B 128 -36.47 0.53 5.92
CA ASP B 128 -37.88 0.93 5.76
C ASP B 128 -38.83 -0.17 6.22
N LEU B 129 -38.42 -1.38 5.95
CA LEU B 129 -39.12 -2.66 6.17
C LEU B 129 -39.41 -2.86 7.66
N LEU B 130 -38.49 -2.46 8.52
CA LEU B 130 -38.65 -2.59 9.99
C LEU B 130 -39.79 -1.72 10.51
N ALA B 131 -40.12 -0.62 9.86
CA ALA B 131 -41.20 0.28 10.29
C ALA B 131 -42.55 -0.43 10.26
N THR B 132 -42.78 -1.27 9.27
CA THR B 132 -44.11 -1.92 9.16
C THR B 132 -44.11 -3.41 9.45
N TYR B 133 -42.96 -4.05 9.61
CA TYR B 133 -42.97 -5.52 9.78
C TYR B 133 -43.64 -5.94 11.10
N ARG B 134 -44.44 -6.98 11.04
CA ARG B 134 -45.12 -7.38 12.26
C ARG B 134 -44.51 -8.69 12.74
N PHE B 135 -43.80 -8.61 13.87
CA PHE B 135 -43.04 -9.77 14.34
C PHE B 135 -43.92 -10.77 15.08
N GLN B 136 -44.95 -10.30 15.75
CA GLN B 136 -45.93 -11.16 16.40
C GLN B 136 -47.27 -11.02 15.69
N THR B 137 -48.00 -12.13 15.60
CA THR B 137 -49.32 -12.20 14.96
C THR B 137 -50.20 -13.10 15.81
N VAL B 138 -51.44 -12.70 16.04
CA VAL B 138 -52.34 -13.45 16.91
C VAL B 138 -53.57 -13.85 16.11
N GLU B 139 -53.83 -15.16 16.06
CA GLU B 139 -54.94 -15.75 15.32
C GLU B 139 -56.04 -16.27 16.25
N GLY B 140 -56.06 -15.80 17.50
CA GLY B 140 -57.00 -16.34 18.48
C GLY B 140 -56.47 -17.61 19.11
N GLY B 141 -55.95 -17.50 20.32
CA GLY B 141 -55.32 -18.62 21.03
C GLY B 141 -53.90 -18.93 20.62
N THR B 142 -53.59 -18.82 19.33
CA THR B 142 -52.25 -19.10 18.83
C THR B 142 -51.62 -17.79 18.36
N ALA B 143 -50.38 -17.56 18.77
CA ALA B 143 -49.60 -16.40 18.35
C ALA B 143 -48.38 -16.88 17.57
N ILE B 144 -48.09 -16.18 16.47
CA ILE B 144 -46.94 -16.46 15.63
C ILE B 144 -45.89 -15.39 15.92
N GLU B 145 -44.71 -15.83 16.31
CA GLU B 145 -43.60 -14.92 16.57
C GLU B 145 -42.49 -15.22 15.58
N ARG B 146 -42.01 -14.20 14.90
CA ARG B 146 -40.88 -14.31 13.99
C ARG B 146 -39.66 -13.78 14.72
N GLU B 147 -38.63 -14.61 14.85
CA GLU B 147 -37.45 -14.11 15.56
C GLU B 147 -36.17 -14.46 14.81
N PRO B 148 -35.08 -13.71 15.06
CA PRO B 148 -33.83 -13.95 14.33
C PRO B 148 -33.35 -15.37 14.52
N ILE B 149 -32.79 -15.94 13.47
CA ILE B 149 -32.42 -17.35 13.57
C ILE B 149 -31.13 -17.51 14.38
N GLY B 150 -30.28 -16.50 14.43
CA GLY B 150 -29.07 -16.62 15.23
C GLY B 150 -27.81 -16.09 14.58
N VAL B 151 -26.73 -16.87 14.72
CA VAL B 151 -25.44 -16.53 14.13
C VAL B 151 -25.42 -17.03 12.69
N CYS B 152 -25.04 -16.16 11.75
CA CYS B 152 -25.17 -16.41 10.32
C CYS B 152 -23.83 -16.26 9.60
N ALA B 153 -23.50 -17.24 8.76
CA ALA B 153 -22.29 -17.23 7.95
C ALA B 153 -22.65 -16.78 6.53
N LEU B 154 -21.95 -15.74 6.04
CA LEU B 154 -22.18 -15.17 4.72
C LEU B 154 -20.93 -15.31 3.88
N ILE B 155 -21.10 -15.85 2.67
CA ILE B 155 -20.03 -16.01 1.69
C ILE B 155 -20.48 -15.35 0.39
N THR B 156 -19.64 -14.49 -0.17
CA THR B 156 -20.00 -13.68 -1.31
C THR B 156 -18.98 -13.78 -2.44
N PRO B 157 -19.42 -13.55 -3.71
CA PRO B 157 -18.52 -13.59 -4.86
C PRO B 157 -17.90 -12.24 -5.19
N TRP B 158 -17.17 -12.15 -6.31
CA TRP B 158 -16.42 -10.95 -6.66
C TRP B 158 -17.07 -10.07 -7.73
N ASN B 159 -18.21 -10.48 -8.31
CA ASN B 159 -18.70 -9.79 -9.52
C ASN B 159 -19.54 -8.57 -9.21
N TRP B 160 -20.28 -8.60 -8.09
CA TRP B 160 -21.00 -7.45 -7.58
C TRP B 160 -20.69 -7.36 -6.09
N PRO B 161 -19.44 -7.03 -5.75
CA PRO B 161 -18.96 -7.35 -4.40
C PRO B 161 -19.69 -6.60 -3.28
N LEU B 162 -19.84 -5.28 -3.40
CA LEU B 162 -20.58 -4.56 -2.36
C LEU B 162 -22.05 -4.93 -2.36
N TYR B 163 -22.65 -4.98 -3.55
CA TYR B 163 -24.05 -5.34 -3.72
C TYR B 163 -24.38 -6.70 -3.11
N GLN B 164 -23.52 -7.71 -3.31
CA GLN B 164 -23.85 -9.04 -2.78
C GLN B 164 -23.66 -9.10 -1.27
N ILE B 165 -22.76 -8.29 -0.72
CA ILE B 165 -22.60 -8.23 0.73
C ILE B 165 -23.82 -7.59 1.37
N THR B 166 -24.31 -6.54 0.74
CA THR B 166 -25.43 -5.78 1.28
C THR B 166 -26.74 -6.59 1.24
N ALA B 167 -27.00 -7.31 0.14
CA ALA B 167 -28.22 -8.14 0.05
C ALA B 167 -28.33 -9.14 1.19
N LYS B 168 -27.21 -9.55 1.79
CA LYS B 168 -27.25 -10.46 2.92
C LYS B 168 -27.17 -9.74 4.26
N VAL B 169 -26.22 -8.81 4.42
CA VAL B 169 -25.96 -8.20 5.73
C VAL B 169 -27.14 -7.35 6.18
N ALA B 170 -27.63 -6.49 5.31
CA ALA B 170 -28.72 -5.58 5.67
C ALA B 170 -29.90 -6.34 6.26
N PRO B 171 -30.49 -7.27 5.50
CA PRO B 171 -31.61 -8.05 6.05
C PRO B 171 -31.26 -8.84 7.29
N ALA B 172 -30.06 -9.43 7.33
CA ALA B 172 -29.64 -10.27 8.46
C ALA B 172 -29.59 -9.46 9.74
N ILE B 173 -28.92 -8.29 9.73
CA ILE B 173 -28.82 -7.53 10.97
C ILE B 173 -30.13 -6.83 11.28
N ALA B 174 -30.93 -6.52 10.27
CA ALA B 174 -32.24 -5.92 10.52
C ALA B 174 -33.16 -6.89 11.27
N ALA B 175 -33.08 -8.18 10.94
CA ALA B 175 -33.89 -9.21 11.57
C ALA B 175 -33.49 -9.46 13.01
N GLY B 176 -32.33 -8.97 13.42
CA GLY B 176 -31.78 -9.27 14.72
C GLY B 176 -30.67 -10.29 14.70
N CYS B 177 -30.26 -10.78 13.54
CA CYS B 177 -29.22 -11.79 13.50
C CYS B 177 -27.82 -11.19 13.74
N THR B 178 -26.88 -12.10 13.89
CA THR B 178 -25.47 -11.80 14.10
C THR B 178 -24.68 -12.55 13.03
N VAL B 179 -23.65 -11.91 12.47
CA VAL B 179 -23.18 -12.24 11.13
C VAL B 179 -21.66 -12.33 11.11
N VAL B 180 -21.13 -13.42 10.53
CA VAL B 180 -19.71 -13.56 10.17
C VAL B 180 -19.62 -13.66 8.63
N LEU B 181 -18.87 -12.73 8.02
CA LEU B 181 -18.82 -12.59 6.56
C LEU B 181 -17.44 -12.97 6.04
N LYS B 182 -17.41 -13.84 5.03
CA LYS B 182 -16.19 -14.07 4.27
C LYS B 182 -16.39 -13.54 2.86
N PRO B 183 -15.78 -12.42 2.48
CA PRO B 183 -15.87 -11.95 1.10
C PRO B 183 -15.01 -12.82 0.19
N SER B 184 -15.19 -12.62 -1.11
CA SER B 184 -14.33 -13.27 -2.09
C SER B 184 -12.88 -12.82 -1.94
N GLU B 185 -11.96 -13.79 -1.99
CA GLU B 185 -10.54 -13.48 -1.96
C GLU B 185 -10.14 -12.63 -3.16
N LEU B 186 -10.95 -12.64 -4.21
CA LEU B 186 -10.67 -11.86 -5.41
C LEU B 186 -11.34 -10.48 -5.41
N SER B 187 -12.10 -10.11 -4.38
CA SER B 187 -12.60 -8.73 -4.24
C SER B 187 -12.67 -8.35 -2.76
N PRO B 188 -11.55 -8.35 -2.08
CA PRO B 188 -11.57 -8.10 -0.63
C PRO B 188 -11.52 -6.63 -0.23
N LEU B 189 -11.10 -5.75 -1.13
CA LEU B 189 -10.75 -4.39 -0.74
C LEU B 189 -11.99 -3.54 -0.44
N SER B 190 -13.08 -3.76 -1.18
CA SER B 190 -14.30 -3.02 -0.88
C SER B 190 -14.97 -3.56 0.36
N ALA B 191 -14.85 -4.86 0.61
CA ALA B 191 -15.34 -5.43 1.87
C ALA B 191 -14.62 -4.79 3.07
N LEU B 192 -13.32 -4.53 2.95
CA LEU B 192 -12.58 -3.88 4.03
C LEU B 192 -13.12 -2.49 4.32
N LEU B 193 -13.47 -1.74 3.27
CA LEU B 193 -14.07 -0.40 3.47
C LEU B 193 -15.47 -0.52 4.08
N PHE B 194 -16.23 -1.53 3.66
CA PHE B 194 -17.58 -1.71 4.20
C PHE B 194 -17.54 -2.02 5.69
N ALA B 195 -16.68 -2.96 6.10
CA ALA B 195 -16.46 -3.24 7.52
C ALA B 195 -16.17 -1.95 8.30
N GLN B 196 -15.24 -1.14 7.76
CA GLN B 196 -14.90 0.13 8.40
C GLN B 196 -16.12 1.05 8.49
N LEU B 197 -17.01 0.97 7.49
CA LEU B 197 -18.20 1.81 7.42
C LEU B 197 -19.24 1.43 8.46
N VAL B 198 -19.47 0.12 8.69
CA VAL B 198 -20.48 -0.26 9.67
C VAL B 198 -19.95 0.02 11.07
N HIS B 199 -18.65 -0.18 11.30
CA HIS B 199 -18.01 0.29 12.53
C HIS B 199 -18.32 1.76 12.78
N ASP B 200 -18.05 2.62 11.77
CA ASP B 200 -18.32 4.04 11.92
C ASP B 200 -19.80 4.33 12.11
N ALA B 201 -20.68 3.53 11.50
CA ALA B 201 -22.11 3.76 11.63
C ALA B 201 -22.65 3.45 13.02
N GLY B 202 -21.83 2.85 13.89
CA GLY B 202 -22.26 2.57 15.25
C GLY B 202 -22.86 1.22 15.49
N LEU B 203 -22.47 0.22 14.71
CA LEU B 203 -22.99 -1.14 14.90
C LEU B 203 -22.30 -1.80 16.09
N PRO B 204 -23.05 -2.27 17.07
CA PRO B 204 -22.43 -2.83 18.30
C PRO B 204 -21.36 -3.85 17.97
N PRO B 205 -20.33 -3.96 18.81
CA PRO B 205 -19.26 -4.93 18.58
C PRO B 205 -19.77 -6.36 18.50
N GLY B 206 -19.35 -7.06 17.45
CA GLY B 206 -19.70 -8.45 17.31
C GLY B 206 -20.91 -8.73 16.46
N VAL B 207 -21.75 -7.73 16.21
CA VAL B 207 -22.89 -7.98 15.32
C VAL B 207 -22.39 -8.32 13.93
N PHE B 208 -21.34 -7.61 13.47
CA PHE B 208 -20.75 -7.85 12.17
C PHE B 208 -19.28 -8.22 12.33
N ASN B 209 -18.86 -9.26 11.62
CA ASN B 209 -17.49 -9.75 11.72
C ASN B 209 -17.02 -10.17 10.34
N LEU B 210 -15.78 -9.80 10.01
CA LEU B 210 -15.20 -10.02 8.69
C LEU B 210 -13.94 -10.86 8.80
N VAL B 211 -13.88 -11.95 8.03
CA VAL B 211 -12.67 -12.76 7.93
C VAL B 211 -12.41 -13.01 6.45
N ASN B 212 -11.23 -12.62 5.98
CA ASN B 212 -10.80 -12.95 4.63
C ASN B 212 -10.18 -14.35 4.60
N GLY B 213 -10.20 -14.95 3.41
CA GLY B 213 -9.49 -16.20 3.21
C GLY B 213 -10.04 -16.99 2.04
N SER B 214 -9.48 -18.18 1.85
CA SER B 214 -9.93 -19.03 0.77
C SER B 214 -11.30 -19.62 1.10
N GLY B 215 -12.00 -20.03 0.04
CA GLY B 215 -13.30 -20.64 0.16
C GLY B 215 -13.28 -21.95 0.92
N PRO B 216 -12.47 -22.91 0.49
CA PRO B 216 -12.43 -24.18 1.21
C PRO B 216 -12.04 -24.04 2.68
N GLU B 217 -11.02 -23.24 3.02
CA GLU B 217 -10.55 -23.20 4.40
C GLU B 217 -11.50 -22.39 5.29
N VAL B 218 -11.62 -21.09 5.03
CA VAL B 218 -12.52 -20.26 5.83
C VAL B 218 -13.98 -20.64 5.59
N GLY B 219 -14.38 -20.73 4.32
CA GLY B 219 -15.76 -21.10 3.99
C GLY B 219 -16.15 -22.46 4.54
N GLY B 220 -15.25 -23.44 4.42
CA GLY B 220 -15.55 -24.76 4.95
C GLY B 220 -15.70 -24.77 6.46
N ALA B 221 -14.84 -24.01 7.15
CA ALA B 221 -14.95 -23.84 8.59
C ALA B 221 -16.30 -23.27 8.97
N MET B 222 -16.80 -22.29 8.21
CA MET B 222 -18.12 -21.74 8.51
C MET B 222 -19.21 -22.78 8.28
N ALA B 223 -19.13 -23.52 7.17
CA ALA B 223 -20.19 -24.45 6.81
C ALA B 223 -20.34 -25.56 7.84
N ALA B 224 -19.24 -25.94 8.49
CA ALA B 224 -19.23 -27.02 9.46
C ALA B 224 -19.31 -26.52 10.89
N HIS B 225 -19.35 -25.23 11.12
CA HIS B 225 -19.19 -24.74 12.48
C HIS B 225 -20.40 -25.12 13.32
N PRO B 226 -20.19 -25.65 14.53
CA PRO B 226 -21.31 -26.10 15.36
C PRO B 226 -22.12 -24.97 15.97
N ASP B 227 -21.61 -23.74 15.98
CA ASP B 227 -22.31 -22.64 16.62
C ASP B 227 -22.90 -21.65 15.60
N ILE B 228 -22.96 -22.01 14.34
CA ILE B 228 -23.58 -21.19 13.30
C ILE B 228 -24.93 -21.78 12.96
N ASP B 229 -25.98 -20.96 13.03
CA ASP B 229 -27.33 -21.45 12.82
C ASP B 229 -27.76 -21.44 11.37
N MET B 230 -27.16 -20.58 10.57
CA MET B 230 -27.52 -20.46 9.19
C MET B 230 -26.30 -20.02 8.41
N ILE B 231 -26.19 -20.51 7.18
CA ILE B 231 -25.17 -20.10 6.22
C ILE B 231 -25.84 -19.76 4.89
N SER B 232 -25.43 -18.65 4.28
CA SER B 232 -25.97 -18.21 3.01
C SER B 232 -24.80 -17.93 2.08
N ILE B 233 -24.81 -18.54 0.91
CA ILE B 233 -23.72 -18.43 -0.03
C ILE B 233 -24.26 -18.01 -1.38
N THR B 234 -23.61 -17.03 -1.97
CA THR B 234 -23.80 -16.63 -3.37
C THR B 234 -22.54 -16.98 -4.12
N GLY B 235 -22.65 -17.89 -5.09
CA GLY B 235 -21.46 -18.33 -5.80
C GLY B 235 -21.66 -19.51 -6.76
N SER B 236 -20.57 -20.24 -6.95
CA SER B 236 -20.53 -21.44 -7.77
C SER B 236 -21.60 -22.44 -7.37
N ASN B 237 -22.14 -23.16 -8.36
CA ASN B 237 -22.85 -24.39 -8.04
C ASN B 237 -21.93 -25.37 -7.34
N ARG B 238 -20.70 -25.52 -7.83
CA ARG B 238 -19.73 -26.39 -7.18
C ARG B 238 -19.58 -26.05 -5.70
N ALA B 239 -19.31 -24.78 -5.38
CA ALA B 239 -19.12 -24.38 -3.99
C ALA B 239 -20.41 -24.45 -3.20
N GLY B 240 -21.55 -24.14 -3.82
CA GLY B 240 -22.81 -24.18 -3.12
C GLY B 240 -23.16 -25.58 -2.66
N ALA B 241 -22.83 -26.58 -3.48
CA ALA B 241 -23.11 -27.95 -3.10
C ALA B 241 -22.17 -28.40 -1.98
N LEU B 242 -20.91 -27.99 -2.04
CA LEU B 242 -19.97 -28.33 -0.96
C LEU B 242 -20.39 -27.68 0.35
N VAL B 243 -20.85 -26.44 0.29
CA VAL B 243 -21.40 -25.82 1.48
C VAL B 243 -22.55 -26.65 2.01
N ALA B 244 -23.55 -26.95 1.18
CA ALA B 244 -24.70 -27.70 1.63
C ALA B 244 -24.29 -29.03 2.26
N GLN B 245 -23.36 -29.73 1.64
CA GLN B 245 -22.91 -31.00 2.19
C GLN B 245 -22.18 -30.82 3.51
N ALA B 246 -21.40 -29.74 3.65
CA ALA B 246 -20.65 -29.54 4.89
C ALA B 246 -21.54 -29.06 6.02
N ALA B 247 -22.66 -28.39 5.71
CA ALA B 247 -23.63 -27.93 6.69
C ALA B 247 -24.65 -28.98 7.10
N ALA B 248 -24.68 -30.15 6.44
CA ALA B 248 -25.79 -31.07 6.66
C ALA B 248 -25.78 -31.65 8.06
N PRO B 249 -24.65 -32.10 8.62
CA PRO B 249 -24.71 -32.72 9.95
C PRO B 249 -25.15 -31.79 11.06
N THR B 250 -25.01 -30.47 10.93
CA THR B 250 -25.53 -29.57 11.95
C THR B 250 -26.91 -29.01 11.62
N VAL B 251 -27.51 -29.42 10.51
CA VAL B 251 -28.89 -29.07 10.14
C VAL B 251 -29.07 -27.55 10.06
N LYS B 252 -28.07 -26.83 9.55
CA LYS B 252 -28.22 -25.39 9.40
C LYS B 252 -29.26 -25.05 8.33
N ARG B 253 -29.82 -23.85 8.47
CA ARG B 253 -30.52 -23.25 7.35
C ARG B 253 -29.50 -22.88 6.27
N VAL B 254 -29.76 -23.34 5.06
CA VAL B 254 -28.84 -23.19 3.94
C VAL B 254 -29.53 -22.38 2.86
N THR B 255 -28.91 -21.26 2.50
CA THR B 255 -29.43 -20.37 1.49
C THR B 255 -28.40 -20.27 0.37
N GLN B 256 -28.84 -20.46 -0.88
CA GLN B 256 -27.92 -20.56 -2.00
C GLN B 256 -28.41 -19.74 -3.20
N GLU B 257 -27.50 -18.96 -3.76
CA GLU B 257 -27.72 -18.17 -4.96
C GLU B 257 -26.60 -18.58 -5.91
N LEU B 258 -26.94 -19.41 -6.90
CA LEU B 258 -25.89 -20.04 -7.71
C LEU B 258 -25.92 -19.64 -9.18
N GLY B 259 -25.59 -20.60 -10.05
CA GLY B 259 -25.48 -20.32 -11.47
C GLY B 259 -26.81 -20.06 -12.15
N GLY B 260 -26.71 -19.56 -13.39
CA GLY B 260 -27.85 -19.34 -14.25
C GLY B 260 -27.47 -19.39 -15.72
N LYS B 261 -28.49 -19.48 -16.55
CA LYS B 261 -28.34 -19.47 -18.00
C LYS B 261 -29.62 -18.86 -18.56
N SER B 262 -29.84 -17.58 -18.21
CA SER B 262 -31.16 -17.00 -18.29
C SER B 262 -31.52 -16.72 -19.73
N PRO B 263 -32.73 -17.10 -20.17
CA PRO B 263 -33.11 -16.89 -21.57
C PRO B 263 -33.76 -15.54 -21.78
N ASN B 264 -33.80 -15.13 -23.05
CA ASN B 264 -34.47 -13.90 -23.47
C ASN B 264 -35.25 -14.27 -24.73
N ILE B 265 -36.56 -14.45 -24.57
CA ILE B 265 -37.45 -14.76 -25.69
C ILE B 265 -37.93 -13.45 -26.30
N LEU B 266 -37.61 -13.23 -27.57
CA LEU B 266 -38.27 -12.20 -28.35
C LEU B 266 -39.45 -12.85 -29.07
N LEU B 267 -40.66 -12.49 -28.65
CA LEU B 267 -41.86 -13.00 -29.28
C LEU B 267 -42.00 -12.37 -30.67
N PRO B 268 -42.73 -13.04 -31.58
CA PRO B 268 -42.78 -12.57 -32.97
C PRO B 268 -43.24 -11.13 -33.12
N ASP B 269 -44.14 -10.65 -32.27
CA ASP B 269 -44.63 -9.30 -32.44
C ASP B 269 -43.67 -8.24 -31.90
N ALA B 270 -42.51 -8.62 -31.37
CA ALA B 270 -41.59 -7.65 -30.81
C ALA B 270 -41.03 -6.73 -31.90
N ASP B 271 -40.74 -5.48 -31.52
CA ASP B 271 -40.03 -4.55 -32.41
C ASP B 271 -38.54 -4.91 -32.37
N PHE B 272 -38.14 -5.79 -33.28
CA PHE B 272 -36.82 -6.40 -33.17
C PHE B 272 -35.72 -5.37 -33.21
N ALA B 273 -35.81 -4.40 -34.12
CA ALA B 273 -34.82 -3.34 -34.21
C ALA B 273 -34.51 -2.75 -32.84
N ASN B 274 -35.55 -2.51 -32.03
CA ASN B 274 -35.41 -1.87 -30.74
C ASN B 274 -35.17 -2.83 -29.59
N ALA B 275 -35.35 -4.14 -29.79
CA ALA B 275 -35.22 -5.07 -28.66
C ALA B 275 -33.90 -5.84 -28.66
N VAL B 276 -33.27 -6.02 -29.81
CA VAL B 276 -32.07 -6.85 -29.88
C VAL B 276 -30.91 -6.10 -29.20
N PRO B 277 -30.78 -4.79 -29.42
CA PRO B 277 -29.68 -4.04 -28.77
C PRO B 277 -29.79 -4.08 -27.25
N PRO B 278 -30.92 -3.68 -26.66
CA PRO B 278 -31.02 -3.79 -25.20
C PRO B 278 -30.77 -5.20 -24.68
N GLY B 279 -31.22 -6.24 -25.38
CA GLY B 279 -30.90 -7.60 -24.98
C GLY B 279 -29.41 -7.88 -24.94
N VAL B 280 -28.71 -7.51 -26.03
CA VAL B 280 -27.25 -7.62 -26.09
C VAL B 280 -26.62 -6.90 -24.90
N MET B 281 -27.01 -5.64 -24.70
CA MET B 281 -26.47 -4.87 -23.59
C MET B 281 -26.68 -5.60 -22.27
N ALA B 282 -27.90 -6.08 -22.00
CA ALA B 282 -28.16 -6.79 -20.77
C ALA B 282 -27.33 -8.06 -20.66
N ALA B 283 -27.16 -8.76 -21.77
CA ALA B 283 -26.32 -9.94 -21.74
C ALA B 283 -24.90 -9.59 -21.29
N PHE B 284 -24.40 -8.43 -21.70
CA PHE B 284 -23.00 -8.06 -21.52
C PHE B 284 -22.78 -7.05 -20.40
N ARG B 285 -23.80 -6.72 -19.61
CA ARG B 285 -23.58 -5.85 -18.47
C ARG B 285 -22.54 -6.48 -17.54
N ASN B 286 -21.68 -5.65 -16.95
CA ASN B 286 -20.60 -6.13 -16.08
C ASN B 286 -19.77 -7.17 -16.81
N VAL B 287 -19.56 -6.93 -18.11
CA VAL B 287 -18.86 -7.79 -19.07
C VAL B 287 -19.23 -9.26 -18.84
N GLY B 288 -20.54 -9.53 -18.78
CA GLY B 288 -21.02 -10.89 -18.67
C GLY B 288 -20.94 -11.51 -17.29
N GLN B 289 -20.40 -10.81 -16.29
CA GLN B 289 -20.12 -11.42 -15.00
C GLN B 289 -21.32 -11.19 -14.09
N SER B 290 -22.39 -11.91 -14.41
CA SER B 290 -23.66 -11.79 -13.73
C SER B 290 -24.44 -13.09 -13.93
N ALA B 291 -24.87 -13.69 -12.82
CA ALA B 291 -25.55 -14.98 -12.92
C ALA B 291 -26.88 -14.89 -13.65
N SER B 292 -27.55 -13.74 -13.60
CA SER B 292 -28.89 -13.60 -14.16
C SER B 292 -28.88 -12.98 -15.55
N ALA B 293 -27.71 -12.73 -16.12
CA ALA B 293 -27.65 -12.08 -17.42
C ALA B 293 -28.37 -12.93 -18.47
N PRO B 294 -29.13 -12.31 -19.37
CA PRO B 294 -29.86 -13.06 -20.42
C PRO B 294 -28.95 -13.43 -21.59
N THR B 295 -28.21 -14.53 -21.41
CA THR B 295 -27.18 -14.99 -22.31
C THR B 295 -27.66 -16.01 -23.37
N ARG B 296 -28.93 -16.39 -23.35
CA ARG B 296 -29.55 -17.18 -24.42
C ARG B 296 -30.67 -16.33 -25.01
N MET B 297 -30.45 -15.79 -26.20
CA MET B 297 -31.44 -14.96 -26.87
C MET B 297 -32.20 -15.83 -27.87
N ILE B 298 -33.52 -15.89 -27.70
CA ILE B 298 -34.37 -16.88 -28.34
C ILE B 298 -35.36 -16.15 -29.24
N VAL B 299 -35.24 -16.36 -30.55
CA VAL B 299 -35.86 -15.48 -31.55
C VAL B 299 -36.45 -16.32 -32.67
N PRO B 300 -37.45 -15.79 -33.38
CA PRO B 300 -38.06 -16.53 -34.49
C PRO B 300 -37.06 -16.85 -35.59
N ARG B 301 -37.09 -18.09 -36.08
CA ARG B 301 -36.10 -18.53 -37.05
C ARG B 301 -36.06 -17.60 -38.25
N ASN B 302 -37.23 -17.25 -38.78
CA ASN B 302 -37.29 -16.31 -39.90
C ASN B 302 -36.85 -14.91 -39.52
N ARG B 303 -36.34 -14.70 -38.31
CA ARG B 303 -35.73 -13.43 -37.94
C ARG B 303 -34.26 -13.58 -37.55
N LEU B 304 -33.69 -14.79 -37.63
CA LEU B 304 -32.35 -15.03 -37.12
C LEU B 304 -31.31 -14.13 -37.82
N ALA B 305 -31.38 -14.02 -39.15
CA ALA B 305 -30.37 -13.21 -39.85
C ALA B 305 -30.43 -11.76 -39.41
N GLU B 306 -31.64 -11.22 -39.27
CA GLU B 306 -31.77 -9.84 -38.83
C GLU B 306 -31.23 -9.62 -37.42
N VAL B 307 -31.52 -10.54 -36.48
CA VAL B 307 -31.06 -10.34 -35.12
C VAL B 307 -29.55 -10.49 -35.03
N GLU B 308 -28.98 -11.41 -35.82
CA GLU B 308 -27.53 -11.52 -35.93
C GLU B 308 -26.93 -10.16 -36.32
N ALA B 309 -27.37 -9.62 -37.48
CA ALA B 309 -26.91 -8.30 -37.89
C ALA B 309 -27.05 -7.30 -36.76
N LEU B 310 -28.24 -7.25 -36.13
CA LEU B 310 -28.48 -6.31 -35.06
C LEU B 310 -27.52 -6.53 -33.90
N ALA B 311 -27.17 -7.79 -33.62
CA ALA B 311 -26.35 -8.09 -32.46
C ALA B 311 -24.89 -7.71 -32.70
N ALA B 312 -24.35 -8.05 -33.86
CA ALA B 312 -22.97 -7.67 -34.17
C ALA B 312 -22.81 -6.16 -34.16
N GLN B 313 -23.83 -5.49 -34.68
CA GLN B 313 -23.87 -4.04 -34.71
C GLN B 313 -23.76 -3.44 -33.31
N THR B 314 -24.63 -3.89 -32.41
CA THR B 314 -24.61 -3.30 -31.07
C THR B 314 -23.40 -3.77 -30.27
N ALA B 315 -22.92 -4.99 -30.52
CA ALA B 315 -21.70 -5.41 -29.85
C ALA B 315 -20.52 -4.53 -30.27
N GLY B 316 -20.40 -4.25 -31.56
CA GLY B 316 -19.24 -3.54 -32.07
C GLY B 316 -19.13 -2.10 -31.61
N THR B 317 -20.17 -1.55 -31.00
CA THR B 317 -20.13 -0.18 -30.52
C THR B 317 -19.90 -0.09 -29.03
N ILE B 318 -19.59 -1.20 -28.37
CA ILE B 318 -19.28 -1.18 -26.95
C ILE B 318 -17.82 -0.80 -26.76
N VAL B 319 -17.58 0.27 -26.00
CA VAL B 319 -16.23 0.72 -25.69
C VAL B 319 -15.66 -0.21 -24.62
N VAL B 320 -14.68 -1.05 -24.97
CA VAL B 320 -13.97 -1.88 -24.02
C VAL B 320 -12.63 -1.24 -23.75
N GLY B 321 -12.31 -0.99 -22.48
CA GLY B 321 -11.04 -0.36 -22.24
C GLY B 321 -10.71 -0.12 -20.78
N ASP B 322 -9.85 0.86 -20.53
CA ASP B 322 -9.34 1.14 -19.21
C ASP B 322 -10.46 1.58 -18.26
N PRO B 323 -10.71 0.84 -17.17
CA PRO B 323 -11.81 1.22 -16.26
C PRO B 323 -11.65 2.62 -15.66
N GLN B 324 -10.44 3.18 -15.66
CA GLN B 324 -10.24 4.50 -15.06
C GLN B 324 -10.87 5.61 -15.86
N LEU B 325 -11.18 5.36 -17.15
CA LEU B 325 -11.78 6.37 -18.01
C LEU B 325 -13.29 6.35 -17.88
N GLU B 326 -13.89 7.53 -17.81
CA GLU B 326 -15.31 7.64 -17.59
C GLU B 326 -16.15 7.29 -18.82
N HIS B 327 -15.55 7.22 -20.01
CA HIS B 327 -16.26 6.81 -21.21
C HIS B 327 -16.03 5.34 -21.56
N THR B 328 -15.23 4.62 -20.78
CA THR B 328 -15.19 3.18 -20.92
C THR B 328 -16.53 2.58 -20.48
N VAL B 329 -17.04 1.64 -21.27
CA VAL B 329 -18.28 0.94 -20.96
C VAL B 329 -18.02 -0.38 -20.25
N LEU B 330 -17.19 -1.23 -20.85
CA LEU B 330 -16.77 -2.49 -20.25
C LEU B 330 -15.27 -2.44 -19.94
N GLY B 331 -14.92 -2.84 -18.73
CA GLY B 331 -13.54 -3.03 -18.36
C GLY B 331 -13.14 -4.46 -18.69
N PRO B 332 -12.12 -4.99 -18.05
CA PRO B 332 -11.70 -6.37 -18.31
C PRO B 332 -12.52 -7.37 -17.48
N ILE B 333 -12.37 -8.64 -17.86
CA ILE B 333 -12.76 -9.72 -17.00
C ILE B 333 -12.05 -9.51 -15.67
N ALA B 334 -12.67 -10.01 -14.59
CA ALA B 334 -12.35 -9.61 -13.23
C ALA B 334 -11.04 -10.20 -12.70
N ASN B 335 -10.62 -11.34 -13.23
CA ASN B 335 -9.38 -11.96 -12.80
C ASN B 335 -8.91 -13.04 -13.78
N GLU B 336 -7.64 -13.42 -13.62
CA GLU B 336 -6.99 -14.38 -14.49
C GLU B 336 -7.77 -15.68 -14.64
N ALA B 337 -8.15 -16.29 -13.52
CA ALA B 337 -8.85 -17.58 -13.60
C ALA B 337 -10.18 -17.46 -14.37
N GLN B 338 -10.94 -16.38 -14.16
CA GLN B 338 -12.13 -16.17 -14.99
C GLN B 338 -11.78 -15.92 -16.45
N PHE B 339 -10.76 -15.09 -16.71
CA PHE B 339 -10.36 -14.79 -18.07
C PHE B 339 -10.11 -16.05 -18.88
N HIS B 340 -9.36 -17.00 -18.30
CA HIS B 340 -9.02 -18.23 -19.01
C HIS B 340 -10.23 -19.13 -19.16
N ARG B 341 -11.07 -19.18 -18.13
CA ARG B 341 -12.28 -19.99 -18.21
C ARG B 341 -13.14 -19.53 -19.38
N VAL B 342 -13.34 -18.20 -19.52
CA VAL B 342 -14.13 -17.65 -20.63
C VAL B 342 -13.48 -17.99 -21.98
N GLN B 343 -12.16 -17.85 -22.05
CA GLN B 343 -11.45 -18.16 -23.28
C GLN B 343 -11.68 -19.59 -23.72
N ALA B 344 -11.73 -20.53 -22.76
CA ALA B 344 -11.98 -21.92 -23.11
C ALA B 344 -13.41 -22.09 -23.61
N MET B 345 -14.35 -21.36 -23.02
CA MET B 345 -15.73 -21.46 -23.46
C MET B 345 -15.90 -20.96 -24.89
N ILE B 346 -15.23 -19.84 -25.22
CA ILE B 346 -15.29 -19.30 -26.58
C ILE B 346 -14.72 -20.32 -27.57
N ASN B 347 -13.47 -20.74 -27.34
CA ASN B 347 -12.86 -21.75 -28.17
C ASN B 347 -13.75 -22.99 -28.32
N ALA B 348 -14.42 -23.41 -27.24
CA ALA B 348 -15.25 -24.60 -27.30
C ALA B 348 -16.47 -24.40 -28.19
N GLY B 349 -17.04 -23.19 -28.19
CA GLY B 349 -18.15 -22.91 -29.08
C GLY B 349 -17.74 -22.98 -30.54
N ILE B 350 -16.59 -22.40 -30.87
CA ILE B 350 -16.01 -22.54 -32.20
C ILE B 350 -15.93 -24.01 -32.60
N CYS B 351 -15.43 -24.86 -31.70
CA CYS B 351 -15.20 -26.26 -32.07
C CYS B 351 -16.51 -27.00 -32.31
N GLU B 352 -17.51 -26.79 -31.46
CA GLU B 352 -18.79 -27.46 -31.63
C GLU B 352 -19.62 -26.89 -32.78
N GLY B 353 -19.00 -26.07 -33.63
CA GLY B 353 -19.63 -25.66 -34.86
C GLY B 353 -20.58 -24.49 -34.75
N ALA B 354 -20.63 -23.82 -33.62
CA ALA B 354 -21.42 -22.59 -33.54
C ALA B 354 -20.98 -21.62 -34.62
N LYS B 355 -21.86 -20.70 -34.96
CA LYS B 355 -21.52 -19.63 -35.88
C LYS B 355 -21.04 -18.41 -35.08
N LEU B 356 -19.85 -17.92 -35.42
CA LEU B 356 -19.24 -16.78 -34.74
C LEU B 356 -19.68 -15.50 -35.45
N VAL B 357 -20.74 -14.87 -34.94
CA VAL B 357 -21.20 -13.63 -35.55
C VAL B 357 -20.20 -12.51 -35.34
N CYS B 358 -19.46 -12.52 -34.23
CA CYS B 358 -18.52 -11.45 -33.92
C CYS B 358 -17.83 -11.81 -32.61
N GLY B 359 -16.80 -11.03 -32.26
CA GLY B 359 -15.96 -11.37 -31.14
C GLY B 359 -15.06 -12.54 -31.51
N GLY B 360 -14.60 -13.25 -30.50
CA GLY B 360 -13.73 -14.39 -30.70
C GLY B 360 -12.74 -14.51 -29.57
N PRO B 361 -11.82 -15.47 -29.66
CA PRO B 361 -10.79 -15.60 -28.63
C PRO B 361 -9.73 -14.51 -28.78
N GLY B 362 -8.89 -14.41 -27.78
CA GLY B 362 -7.83 -13.42 -27.80
C GLY B 362 -8.13 -12.19 -26.98
N ARG B 363 -7.07 -11.57 -26.46
CA ARG B 363 -7.19 -10.29 -25.80
C ARG B 363 -7.67 -9.23 -26.78
N VAL B 364 -8.47 -8.30 -26.25
CA VAL B 364 -8.89 -7.13 -27.04
C VAL B 364 -7.66 -6.39 -27.55
N GLN B 365 -7.59 -6.23 -28.88
CA GLN B 365 -6.47 -5.56 -29.54
C GLN B 365 -6.27 -4.17 -28.98
N GLY B 366 -5.06 -3.88 -28.54
CA GLY B 366 -4.73 -2.57 -27.99
C GLY B 366 -4.80 -2.47 -26.49
N HIS B 367 -5.29 -3.53 -25.83
CA HIS B 367 -5.18 -3.75 -24.39
C HIS B 367 -4.60 -5.15 -24.20
N GLU B 368 -3.33 -5.33 -24.57
CA GLU B 368 -2.71 -6.64 -24.40
C GLU B 368 -2.27 -6.88 -22.95
N GLN B 369 -2.06 -5.83 -22.15
CA GLN B 369 -1.96 -5.97 -20.70
C GLN B 369 -3.36 -5.79 -20.12
N GLY B 370 -3.80 -6.76 -19.31
CA GLY B 370 -5.11 -6.75 -18.71
C GLY B 370 -6.00 -7.86 -19.27
N PHE B 371 -6.95 -8.31 -18.46
CA PHE B 371 -7.77 -9.45 -18.86
C PHE B 371 -8.93 -9.06 -19.75
N TYR B 372 -8.61 -8.29 -20.79
CA TYR B 372 -9.62 -7.70 -21.65
C TYR B 372 -10.13 -8.73 -22.65
N THR B 373 -11.43 -8.97 -22.65
CA THR B 373 -12.04 -10.05 -23.43
C THR B 373 -12.99 -9.47 -24.48
N ARG B 374 -13.03 -10.10 -25.64
CA ARG B 374 -13.84 -9.54 -26.73
C ARG B 374 -15.31 -9.89 -26.53
N PRO B 375 -16.22 -8.91 -26.62
CA PRO B 375 -17.65 -9.23 -26.62
C PRO B 375 -17.99 -10.16 -27.77
N THR B 376 -18.59 -11.32 -27.46
CA THR B 376 -18.68 -12.42 -28.40
C THR B 376 -20.13 -12.87 -28.57
N VAL B 377 -20.55 -12.98 -29.83
CA VAL B 377 -21.91 -13.42 -30.21
C VAL B 377 -21.84 -14.68 -31.06
N PHE B 378 -22.58 -15.70 -30.66
CA PHE B 378 -22.68 -16.99 -31.36
C PHE B 378 -24.10 -17.15 -31.86
N SER B 379 -24.24 -17.64 -33.07
CA SER B 379 -25.58 -17.83 -33.67
C SER B 379 -25.71 -19.23 -34.24
N GLU B 380 -26.94 -19.61 -34.55
CA GLU B 380 -27.30 -20.98 -35.02
C GLU B 380 -26.84 -21.97 -33.96
N VAL B 381 -27.14 -21.63 -32.72
CA VAL B 381 -26.71 -22.38 -31.52
C VAL B 381 -27.78 -23.40 -31.23
N ASP B 382 -27.31 -24.62 -31.07
CA ASP B 382 -28.17 -25.77 -30.74
C ASP B 382 -28.23 -25.86 -29.23
N SER B 383 -29.38 -26.20 -28.66
CA SER B 383 -29.56 -26.29 -27.19
C SER B 383 -28.66 -27.34 -26.51
N SER B 384 -28.19 -28.34 -27.23
CA SER B 384 -27.26 -29.37 -26.71
C SER B 384 -25.82 -28.86 -26.68
N MET B 385 -25.55 -27.70 -27.27
CA MET B 385 -24.16 -27.21 -27.31
C MET B 385 -23.70 -26.79 -25.91
N ARG B 386 -22.40 -26.94 -25.66
CA ARG B 386 -21.78 -26.58 -24.37
C ARG B 386 -21.99 -25.11 -24.07
N ILE B 387 -21.88 -24.25 -25.07
CA ILE B 387 -22.07 -22.79 -24.84
C ILE B 387 -23.51 -22.50 -24.39
N ALA B 388 -24.48 -23.23 -24.91
CA ALA B 388 -25.92 -23.14 -24.56
C ALA B 388 -26.25 -23.63 -23.16
N ARG B 389 -25.63 -24.73 -22.73
CA ARG B 389 -25.98 -25.35 -21.44
C ARG B 389 -25.13 -24.83 -20.27
N GLU B 390 -23.89 -24.45 -20.54
CA GLU B 390 -22.96 -24.07 -19.47
C GLU B 390 -22.89 -22.55 -19.29
N GLU B 391 -22.90 -22.09 -18.06
CA GLU B 391 -22.78 -20.66 -17.73
C GLU B 391 -21.35 -20.25 -18.09
N ILE B 392 -21.20 -19.17 -18.82
CA ILE B 392 -19.83 -18.77 -19.26
C ILE B 392 -19.23 -17.74 -18.31
N PHE B 393 -20.06 -16.83 -17.83
CA PHE B 393 -19.66 -15.75 -16.90
C PHE B 393 -18.67 -14.80 -17.55
N GLY B 394 -18.92 -14.54 -18.81
CA GLY B 394 -18.15 -13.65 -19.69
C GLY B 394 -19.04 -13.04 -20.74
N PRO B 395 -18.58 -12.10 -21.57
CA PRO B 395 -19.44 -11.48 -22.55
C PRO B 395 -19.64 -12.39 -23.76
N VAL B 396 -20.49 -13.41 -23.62
CA VAL B 396 -20.72 -14.34 -24.71
C VAL B 396 -22.23 -14.57 -24.82
N LEU B 397 -22.82 -14.16 -25.95
CA LEU B 397 -24.25 -14.29 -26.20
C LEU B 397 -24.49 -15.46 -27.14
N CYS B 398 -25.57 -16.20 -26.91
CA CYS B 398 -26.03 -17.24 -27.84
C CYS B 398 -27.33 -16.80 -28.47
N LEU B 399 -27.44 -17.02 -29.78
CA LEU B 399 -28.66 -16.79 -30.55
C LEU B 399 -29.23 -18.14 -30.93
N ILE B 400 -30.50 -18.38 -30.56
CA ILE B 400 -31.15 -19.68 -30.72
C ILE B 400 -32.49 -19.47 -31.42
N ALA B 401 -32.73 -20.24 -32.49
CA ALA B 401 -33.90 -20.06 -33.33
C ALA B 401 -35.06 -20.91 -32.83
N TYR B 402 -36.26 -20.40 -33.00
CA TYR B 402 -37.47 -21.16 -32.71
C TYR B 402 -38.47 -21.02 -33.84
N ASP B 403 -39.28 -22.07 -34.04
CA ASP B 403 -40.33 -22.09 -35.05
C ASP B 403 -41.73 -21.86 -34.50
N THR B 404 -41.97 -22.10 -33.21
CA THR B 404 -43.24 -21.76 -32.56
C THR B 404 -42.97 -21.20 -31.17
N ILE B 405 -43.92 -20.39 -30.68
CA ILE B 405 -43.87 -19.86 -29.33
C ILE B 405 -43.75 -21.00 -28.31
N ASP B 406 -44.53 -22.07 -28.49
CA ASP B 406 -44.45 -23.21 -27.58
C ASP B 406 -43.04 -23.80 -27.57
N GLU B 407 -42.41 -23.86 -28.75
CA GLU B 407 -41.04 -24.31 -28.84
C GLU B 407 -40.08 -23.33 -28.16
N ALA B 408 -40.35 -22.03 -28.31
CA ALA B 408 -39.52 -21.03 -27.64
C ALA B 408 -39.53 -21.23 -26.13
N VAL B 409 -40.70 -21.55 -25.57
CA VAL B 409 -40.79 -21.78 -24.15
C VAL B 409 -40.05 -23.06 -23.77
N ALA B 410 -40.13 -24.09 -24.62
CA ALA B 410 -39.40 -25.32 -24.34
C ALA B 410 -37.89 -25.07 -24.29
N ILE B 411 -37.38 -24.28 -25.23
CA ILE B 411 -35.96 -23.92 -25.25
C ILE B 411 -35.60 -23.10 -24.02
N ALA B 412 -36.43 -22.12 -23.65
CA ALA B 412 -36.13 -21.33 -22.47
C ALA B 412 -36.03 -22.23 -21.23
N ASN B 413 -36.89 -23.23 -21.13
CA ASN B 413 -36.84 -24.12 -19.98
C ASN B 413 -35.82 -25.24 -20.11
N ASP B 414 -35.19 -25.39 -21.29
CA ASP B 414 -34.30 -26.50 -21.53
C ASP B 414 -32.95 -26.31 -20.82
N THR B 415 -33.00 -26.29 -19.49
CA THR B 415 -31.83 -25.91 -18.71
C THR B 415 -32.02 -26.36 -17.27
N VAL B 416 -30.90 -26.75 -16.67
CA VAL B 416 -30.80 -27.14 -15.26
C VAL B 416 -30.97 -25.95 -14.32
N TYR B 417 -30.85 -24.73 -14.84
CA TYR B 417 -30.90 -23.46 -14.11
C TYR B 417 -32.31 -22.81 -14.19
N GLY B 418 -32.49 -21.76 -13.39
CA GLY B 418 -33.73 -20.98 -13.39
C GLY B 418 -33.66 -19.72 -12.54
N LEU B 419 -32.60 -18.91 -12.74
CA LEU B 419 -32.39 -17.71 -11.94
C LEU B 419 -33.22 -16.53 -12.46
N GLY B 420 -33.21 -16.31 -13.77
CA GLY B 420 -34.00 -15.25 -14.36
C GLY B 420 -34.31 -15.55 -15.80
N ALA B 421 -35.09 -14.66 -16.40
CA ALA B 421 -35.56 -14.81 -17.76
C ALA B 421 -36.08 -13.46 -18.24
N HIS B 422 -36.16 -13.33 -19.56
CA HIS B 422 -36.60 -12.11 -20.22
C HIS B 422 -37.61 -12.43 -21.32
N VAL B 423 -38.56 -11.51 -21.53
CA VAL B 423 -39.53 -11.63 -22.62
C VAL B 423 -39.67 -10.25 -23.25
N GLN B 424 -39.60 -10.21 -24.60
CA GLN B 424 -39.92 -9.03 -25.39
C GLN B 424 -41.16 -9.33 -26.23
N GLY B 425 -42.12 -8.41 -26.21
CA GLY B 425 -43.30 -8.53 -27.04
C GLY B 425 -44.22 -7.33 -26.97
N GLN B 426 -44.98 -7.05 -28.05
CA GLN B 426 -45.89 -5.90 -28.00
C GLN B 426 -47.16 -6.24 -27.25
N ASP B 427 -47.77 -7.40 -27.52
CA ASP B 427 -48.96 -7.79 -26.80
C ASP B 427 -48.59 -8.16 -25.37
N LEU B 428 -48.93 -7.28 -24.43
CA LEU B 428 -48.57 -7.46 -23.00
C LEU B 428 -49.21 -8.70 -22.42
N GLU B 429 -50.45 -8.96 -22.80
CA GLU B 429 -51.15 -10.14 -22.27
C GLU B 429 -50.41 -11.40 -22.68
N LEU B 430 -49.94 -11.47 -23.92
CA LEU B 430 -49.19 -12.65 -24.38
C LEU B 430 -47.86 -12.74 -23.64
N ALA B 431 -47.18 -11.62 -23.44
CA ALA B 431 -45.88 -11.58 -22.75
C ALA B 431 -46.05 -12.04 -21.29
N ARG B 432 -47.11 -11.59 -20.63
CA ARG B 432 -47.43 -12.02 -19.25
C ARG B 432 -47.72 -13.52 -19.25
N SER B 433 -48.44 -14.00 -20.25
CA SER B 433 -48.77 -15.44 -20.32
C SER B 433 -47.50 -16.27 -20.51
N VAL B 434 -46.58 -15.83 -21.37
CA VAL B 434 -45.31 -16.57 -21.61
C VAL B 434 -44.46 -16.55 -20.34
N ALA B 435 -44.43 -15.43 -19.64
CA ALA B 435 -43.59 -15.26 -18.45
C ALA B 435 -43.99 -16.32 -17.43
N SER B 436 -45.27 -16.60 -17.35
CA SER B 436 -45.82 -17.60 -16.41
C SER B 436 -45.28 -18.99 -16.70
N ARG B 437 -45.05 -19.32 -17.96
CA ARG B 437 -44.54 -20.64 -18.37
C ARG B 437 -43.04 -20.78 -18.13
N ILE B 438 -42.34 -19.69 -17.87
CA ILE B 438 -40.87 -19.79 -17.63
C ILE B 438 -40.63 -20.16 -16.17
N ARG B 439 -39.83 -21.21 -15.96
CA ARG B 439 -39.46 -21.69 -14.62
C ARG B 439 -38.20 -20.95 -14.16
N ALA B 440 -38.39 -19.75 -13.68
CA ALA B 440 -37.29 -18.91 -13.21
C ALA B 440 -37.80 -18.03 -12.10
N GLY B 441 -36.91 -17.62 -11.21
CA GLY B 441 -37.24 -16.77 -10.05
C GLY B 441 -37.76 -15.44 -10.48
N GLN B 442 -37.19 -14.89 -11.54
CA GLN B 442 -37.66 -13.60 -12.07
C GLN B 442 -37.80 -13.67 -13.58
N VAL B 443 -38.84 -13.03 -14.12
CA VAL B 443 -38.99 -12.86 -15.59
C VAL B 443 -39.20 -11.36 -15.81
N HIS B 444 -38.46 -10.78 -16.74
CA HIS B 444 -38.54 -9.32 -16.99
C HIS B 444 -39.17 -9.07 -18.36
N LEU B 445 -40.17 -8.20 -18.38
CA LEU B 445 -40.92 -7.89 -19.61
C LEU B 445 -40.47 -6.57 -20.20
N ASN B 446 -40.05 -6.59 -21.46
CA ASN B 446 -39.66 -5.37 -22.18
C ASN B 446 -38.74 -4.50 -21.33
N TYR B 447 -37.72 -5.13 -20.75
CA TYR B 447 -36.60 -4.44 -20.12
C TYR B 447 -37.05 -3.45 -19.05
N PRO B 448 -37.72 -3.91 -18.00
CA PRO B 448 -38.11 -3.01 -16.90
C PRO B 448 -36.89 -2.61 -16.09
N SER B 449 -37.07 -1.58 -15.28
CA SER B 449 -35.99 -1.15 -14.40
C SER B 449 -35.93 -2.03 -13.16
N TRP B 450 -34.77 -2.00 -12.53
CA TRP B 450 -34.49 -2.91 -11.43
C TRP B 450 -35.43 -2.63 -10.25
N ASN B 451 -35.87 -3.69 -9.59
CA ASN B 451 -36.84 -3.58 -8.50
C ASN B 451 -36.27 -4.20 -7.23
N PRO B 452 -35.90 -3.40 -6.23
CA PRO B 452 -35.25 -3.93 -5.04
C PRO B 452 -36.21 -4.57 -4.05
N MET B 453 -37.51 -4.56 -4.32
CA MET B 453 -38.48 -5.25 -3.48
C MET B 453 -38.81 -6.63 -4.01
N ALA B 454 -38.46 -6.91 -5.27
CA ALA B 454 -38.81 -8.17 -5.90
C ALA B 454 -37.94 -9.29 -5.33
N PRO B 455 -38.53 -10.39 -4.88
CA PRO B 455 -37.74 -11.56 -4.49
C PRO B 455 -36.83 -12.02 -5.64
N PHE B 456 -35.56 -12.26 -5.32
CA PHE B 456 -34.55 -12.68 -6.28
C PHE B 456 -34.01 -14.04 -5.83
N GLY B 457 -33.95 -15.00 -6.75
CA GLY B 457 -33.47 -16.33 -6.43
C GLY B 457 -33.84 -17.31 -7.52
N GLY B 458 -33.45 -18.57 -7.32
CA GLY B 458 -33.54 -19.58 -8.37
C GLY B 458 -34.61 -20.64 -8.15
N TYR B 459 -35.27 -21.05 -9.24
CA TYR B 459 -35.86 -22.38 -9.42
C TYR B 459 -34.75 -23.38 -9.72
N LYS B 460 -35.07 -24.65 -9.49
CA LYS B 460 -34.22 -25.73 -9.99
C LYS B 460 -32.81 -25.51 -9.42
N ARG B 461 -31.77 -25.50 -10.24
CA ARG B 461 -30.39 -25.54 -9.77
C ARG B 461 -29.74 -24.17 -9.61
N SER B 462 -30.49 -23.08 -9.79
CA SER B 462 -29.99 -21.74 -9.50
C SER B 462 -30.04 -21.38 -8.01
N GLY B 463 -30.59 -22.23 -7.14
CA GLY B 463 -30.37 -22.05 -5.72
C GLY B 463 -31.55 -22.50 -4.87
N ASN B 464 -31.53 -22.00 -3.63
CA ASN B 464 -32.55 -22.25 -2.63
C ASN B 464 -32.69 -21.00 -1.77
N GLY B 465 -33.93 -20.52 -1.62
CA GLY B 465 -34.20 -19.29 -0.89
C GLY B 465 -34.43 -18.10 -1.80
N ARG B 466 -34.76 -16.97 -1.17
CA ARG B 466 -34.94 -15.71 -1.88
C ARG B 466 -34.25 -14.58 -1.13
N GLU B 467 -33.67 -13.68 -1.92
CA GLU B 467 -33.05 -12.45 -1.41
C GLU B 467 -33.82 -11.26 -1.96
N TYR B 468 -33.62 -10.10 -1.33
CA TYR B 468 -34.14 -8.73 -1.57
C TYR B 468 -35.51 -8.57 -0.92
N GLY B 469 -35.82 -7.37 -0.47
CA GLY B 469 -37.15 -7.08 0.07
C GLY B 469 -37.53 -7.86 1.31
N VAL B 470 -38.83 -8.03 1.52
CA VAL B 470 -39.35 -8.76 2.69
C VAL B 470 -38.96 -10.24 2.59
N HIS B 471 -39.02 -10.82 1.40
CA HIS B 471 -38.67 -12.24 1.23
C HIS B 471 -37.25 -12.50 1.70
N GLY B 472 -36.33 -11.63 1.33
CA GLY B 472 -34.93 -11.77 1.75
C GLY B 472 -34.79 -11.66 3.24
N PHE B 473 -35.53 -10.75 3.83
CA PHE B 473 -35.56 -10.48 5.28
C PHE B 473 -36.10 -11.68 6.06
N GLU B 474 -37.07 -12.37 5.48
CA GLU B 474 -37.70 -13.56 6.11
C GLU B 474 -36.77 -14.77 6.15
N GLU B 475 -35.70 -14.79 5.35
CA GLU B 475 -34.72 -15.90 5.34
C GLU B 475 -33.86 -15.90 6.61
N TYR B 476 -33.87 -14.79 7.33
CA TYR B 476 -33.10 -14.64 8.58
C TYR B 476 -34.01 -14.80 9.78
N LEU B 477 -35.25 -15.21 9.58
CA LEU B 477 -36.16 -15.37 10.72
C LEU B 477 -36.62 -16.81 10.89
N GLU B 478 -36.67 -17.31 12.12
CA GLU B 478 -37.29 -18.61 12.46
C GLU B 478 -38.79 -18.40 12.66
N THR B 479 -39.57 -19.45 12.80
CA THR B 479 -41.02 -19.29 13.01
C THR B 479 -41.41 -19.96 14.32
N LYS B 480 -42.11 -19.26 15.20
CA LYS B 480 -42.50 -19.82 16.51
C LYS B 480 -44.02 -19.77 16.61
N ALA B 481 -44.65 -20.88 16.94
CA ALA B 481 -46.11 -20.82 17.13
C ALA B 481 -46.36 -21.00 18.62
N ILE B 482 -46.90 -19.98 19.27
CA ILE B 482 -47.19 -20.15 20.71
C ILE B 482 -48.64 -20.56 20.79
N VAL B 483 -48.87 -21.84 20.98
CA VAL B 483 -50.24 -22.41 21.04
C VAL B 483 -50.75 -22.22 22.47
N GLY B 484 -52.03 -21.92 22.62
CA GLY B 484 -52.52 -21.67 23.98
C GLY B 484 -52.12 -20.27 24.38
N PHE B 485 -51.71 -19.46 23.41
CA PHE B 485 -51.38 -18.08 23.74
C PHE B 485 -52.50 -17.44 24.55
N ALA B 486 -53.73 -17.39 23.97
CA ALA B 486 -54.94 -17.07 24.74
C ALA B 486 -55.69 -18.35 25.10
N PRO B 487 -56.01 -18.58 26.37
CA PRO B 487 -56.75 -19.80 26.74
C PRO B 487 -58.11 -19.86 26.06
N ALA B 488 -58.54 -21.08 25.74
CA ALA B 488 -59.73 -21.34 24.94
C ALA B 488 -61.02 -21.14 25.75
N ASP B 489 -62.16 -21.34 25.07
CA ASP B 489 -63.52 -21.05 25.60
C ASP B 489 -63.96 -19.61 25.28
C14 OYA C . 23.89 21.80 3.44
C5 OYA C . 23.89 20.62 4.39
C6 OYA C . 24.12 19.35 3.59
C11 OYA C . 23.66 18.16 4.39
C7 OYA C . 24.73 17.71 5.37
C8 OYA C . 24.22 16.44 6.05
C9 OYA C . 25.32 15.66 6.75
C10 OYA C . 25.14 15.67 8.25
OAB OYA C . 24.45 14.83 8.77
H141 OYA C . 23.18 21.70 2.78
H142 OYA C . 23.75 22.63 3.95
H143 OYA C . 24.75 21.85 2.99
H51 OYA C . 23.03 20.57 4.84
H52 OYA C . 24.60 20.72 5.05
H61 OYA C . 25.07 19.26 3.39
H62 OYA C . 23.61 19.40 2.75
H111 OYA C . 22.85 18.39 4.89
H112 OYA C . 23.46 17.41 3.78
H71 OYA C . 25.56 17.52 4.90
H72 OYA C . 24.88 18.41 6.04
H81 OYA C . 23.55 16.69 6.71
H82 OYA C . 23.81 15.87 5.38
H91 OYA C . 26.19 16.07 6.53
H92 OYA C . 25.32 14.74 6.43
H10 OYA C . 25.59 16.35 8.80
PA NAD D . 21.79 4.65 14.63
O1A NAD D . 23.19 4.65 15.10
O2A NAD D . 20.81 4.32 15.69
O5B NAD D . 21.58 3.67 13.36
C5B NAD D . 22.34 3.83 12.18
C4B NAD D . 22.28 2.56 11.33
O4B NAD D . 22.86 1.49 12.07
C3B NAD D . 20.86 2.11 11.02
O3B NAD D . 20.86 1.54 9.71
C2B NAD D . 20.58 1.02 12.04
O2B NAD D . 19.67 0.04 11.58
C1B NAD D . 21.95 0.40 12.16
N9A NAD D . 22.21 -0.22 13.45
C8A NAD D . 21.68 0.09 14.69
N7A NAD D . 22.29 -0.72 15.58
C5A NAD D . 23.17 -1.52 14.94
C6A NAD D . 24.05 -2.51 15.37
N6A NAD D . 24.23 -2.71 16.68
N1A NAD D . 24.86 -3.14 14.44
C2A NAD D . 24.80 -2.80 13.12
N3A NAD D . 23.93 -1.82 12.69
C4A NAD D . 23.14 -1.20 13.60
O3 NAD D . 21.53 6.06 13.89
PN NAD D . 20.54 7.26 14.32
O1N NAD D . 20.97 7.81 15.63
O2N NAD D . 19.14 6.84 14.12
O5D NAD D . 21.04 8.23 13.10
C5D NAD D . 21.39 9.56 13.37
C4D NAD D . 22.87 9.60 13.77
O4D NAD D . 23.68 9.46 12.63
C3D NAD D . 23.22 10.94 14.40
O3D NAD D . 24.20 10.74 15.40
C2D NAD D . 23.89 11.66 13.25
O2D NAD D . 24.76 12.68 13.68
C1D NAD D . 24.63 10.51 12.57
N1N NAD D . 24.98 10.95 11.22
C2N NAD D . 26.30 11.14 10.90
C3N NAD D . 26.66 11.61 9.64
C7N NAD D . 28.08 11.84 9.25
O7N NAD D . 28.34 12.01 7.88
N7N NAD D . 29.06 11.91 10.15
C4N NAD D . 25.67 11.89 8.71
C5N NAD D . 24.33 11.71 9.04
C6N NAD D . 24.00 11.25 10.31
C14 OYA E . -30.06 -4.34 -13.18
C5 OYA E . -28.78 -5.06 -12.79
C6 OYA E . -28.83 -5.48 -11.34
C11 OYA E . -27.66 -6.38 -11.02
C7 OYA E . -28.11 -7.84 -10.94
C8 OYA E . -26.97 -8.67 -10.36
C9 OYA E . -27.48 -10.03 -9.91
C10 OYA E . -26.81 -11.15 -10.70
OAB OYA E . -25.65 -11.41 -10.48
H141 OYA E . -30.02 -4.06 -14.11
H142 OYA E . -30.82 -4.93 -13.04
H143 OYA E . -30.16 -3.54 -12.61
H51 OYA E . -28.01 -4.46 -12.94
H52 OYA E . -28.68 -5.85 -13.36
H61 OYA E . -29.68 -5.95 -11.17
H62 OYA E . -28.80 -4.68 -10.77
H111 OYA E . -26.99 -6.29 -11.72
H112 OYA E . -27.28 -6.12 -10.17
H71 OYA E . -28.90 -7.92 -10.38
H72 OYA E . -28.33 -8.16 -11.84
H81 OYA E . -26.28 -8.78 -11.03
H82 OYA E . -26.60 -8.19 -9.59
H91 OYA E . -28.43 -10.07 -10.04
H92 OYA E . -27.27 -10.15 -8.96
H10 OYA E . -27.31 -11.64 -11.37
PA NAD F . -17.25 -19.40 -6.38
O1A NAD F . -18.35 -20.40 -6.29
O2A NAD F . -16.01 -19.95 -6.95
O5B NAD F . -16.96 -18.72 -4.94
C5B NAD F . -17.99 -18.05 -4.23
C4B NAD F . -17.59 -17.89 -2.75
O4B NAD F . -17.42 -19.17 -2.18
C3B NAD F . -16.24 -17.20 -2.56
O3B NAD F . -16.32 -16.40 -1.39
C2B NAD F . -15.26 -18.34 -2.35
O2B NAD F . -14.16 -17.98 -1.54
C1B NAD F . -16.14 -19.30 -1.59
N9A NAD F . -15.76 -20.69 -1.75
C8A NAD F . -15.14 -21.31 -2.81
N7A NAD F . -15.09 -22.63 -2.53
C5A NAD F . -15.67 -22.85 -1.32
C6A NAD F . -15.87 -23.99 -0.56
N6A NAD F . -15.61 -25.19 -1.07
N1A NAD F . -16.52 -23.89 0.65
C2A NAD F . -16.95 -22.67 1.11
N3A NAD F . -16.75 -21.53 0.36
C4A NAD F . -16.10 -21.64 -0.83
O3 NAD F . -17.83 -18.11 -7.15
PN NAD F . -17.40 -17.51 -8.58
O1N NAD F . -17.69 -18.50 -9.64
O2N NAD F . -16.06 -16.91 -8.48
O5D NAD F . -18.56 -16.36 -8.54
C5D NAD F . -19.39 -16.18 -9.67
C4D NAD F . -20.58 -17.13 -9.57
O4D NAD F . -21.50 -16.64 -8.62
C3D NAD F . -21.31 -17.22 -10.89
O3D NAD F . -21.81 -18.52 -11.04
C2D NAD F . -22.49 -16.30 -10.66
O2D NAD F . -23.57 -16.61 -11.50
C1D NAD F . -22.79 -16.57 -9.19
N1N NAD F . -23.63 -15.47 -8.70
C2N NAD F . -24.93 -15.72 -8.35
C3N NAD F . -25.76 -14.69 -7.94
C7N NAD F . -27.19 -14.91 -7.56
O7N NAD F . -27.83 -13.87 -6.87
N7N NAD F . -27.83 -16.04 -7.88
C4N NAD F . -25.26 -13.39 -7.89
C5N NAD F . -23.95 -13.14 -8.26
C6N NAD F . -23.14 -14.20 -8.68
#